data_3VRZ
#
_entry.id   3VRZ
#
_cell.length_a   73.645
_cell.length_b   96.492
_cell.length_c   180.864
_cell.angle_alpha   90.00
_cell.angle_beta   90.00
_cell.angle_gamma   90.00
#
_symmetry.space_group_name_H-M   'P 21 21 21'
#
loop_
_entity.id
_entity.type
_entity.pdbx_description
1 polymer 'Tyrosine-protein kinase HCK'
2 non-polymer 'CALCIUM ION'
3 non-polymer 'CHLORIDE ION'
4 non-polymer 1-[4-(4-amino-7-cyclopentyl-7H-pyrrolo[2,3-d]pyrimidin-5-yl)phenyl]-3-benzylurea
5 water water
#
_entity_poly.entity_id   1
_entity_poly.type   'polypeptide(L)'
_entity_poly.pdbx_seq_one_letter_code
;GAMGSGIRIIVVALYDYEAIHHEDLSFQKGDQMVVLEESGEWWKARSLATRKEGYIPSNYVARVDSLETEEWFFKGISRK
DAERQLLAPGNMLGSFMIRDSETTKGSYSLSVRDYDPRQGDTVKHYKIRTLDNGGFYISPRSTFSTLQELVDHYKKGNDG
LCQKLSVPCMSSKPQKPWEKDAWEIPRESLKLEKKLGAGQFGEVWMATYNKHTKVAVKTMKPGSMSVEAFLAEANVMKTL
QHDKLVKLHAVVTKEPIYIITEFMAKGSLLDFLKSDEGSKQPLPKLIDFSAQIAEGMAFIEQRNYIHRDLRAANILVSAS
LVCKIADFGLARVIEDNEYTAREGAKFPIKWTAPEAINFGSFTIKSDVWSFGILLMEIVTYGRIPYPGMSNPEVIRALER
GYRMPRPENCPEELYNIMMRCWKNRPEERPTFEYIQSVLDDFYTATESQ(PTR)EEIP
;
_entity_poly.pdbx_strand_id   A,B
#
# COMPACT_ATOMS: atom_id res chain seq x y z
N ARG A 8 7.58 4.69 39.21
CA ARG A 8 6.86 3.58 39.80
C ARG A 8 5.38 3.61 39.43
N ILE A 9 5.03 2.87 38.39
CA ILE A 9 3.67 2.84 37.87
C ILE A 9 2.91 1.61 38.37
N ILE A 10 1.95 1.83 39.26
CA ILE A 10 1.11 0.75 39.75
C ILE A 10 -0.16 0.66 38.91
N VAL A 11 -0.47 -0.55 38.43
CA VAL A 11 -1.73 -0.80 37.77
C VAL A 11 -2.56 -1.77 38.59
N VAL A 12 -3.81 -1.99 38.18
CA VAL A 12 -4.71 -2.88 38.91
C VAL A 12 -5.51 -3.74 37.93
N ALA A 13 -5.75 -4.99 38.31
CA ALA A 13 -6.48 -5.90 37.44
C ALA A 13 -7.98 -5.60 37.44
N LEU A 14 -8.57 -5.53 36.25
CA LEU A 14 -10.00 -5.28 36.11
C LEU A 14 -10.78 -6.59 36.04
N TYR A 15 -10.09 -7.69 35.73
CA TYR A 15 -10.68 -9.03 35.69
C TYR A 15 -9.69 -10.07 36.18
N ASP A 16 -10.18 -11.26 36.49
CA ASP A 16 -9.33 -12.41 36.76
C ASP A 16 -8.65 -12.86 35.47
N TYR A 17 -7.39 -13.30 35.60
CA TYR A 17 -6.69 -13.88 34.46
C TYR A 17 -5.95 -15.13 34.91
N GLU A 18 -6.15 -16.22 34.17
CA GLU A 18 -5.45 -17.47 34.44
C GLU A 18 -4.30 -17.58 33.44
N ALA A 19 -3.09 -17.81 33.96
CA ALA A 19 -1.92 -17.91 33.09
C ALA A 19 -2.01 -19.17 32.23
N ILE A 20 -1.53 -19.11 30.99
CA ILE A 20 -1.54 -20.27 30.10
C ILE A 20 -0.25 -20.47 29.32
N HIS A 21 0.64 -19.48 29.34
CA HIS A 21 1.92 -19.58 28.65
C HIS A 21 3.04 -19.90 29.65
N HIS A 22 4.28 -19.79 29.18
CA HIS A 22 5.44 -20.10 30.02
C HIS A 22 5.71 -19.03 31.09
N GLU A 23 5.70 -17.76 30.67
CA GLU A 23 6.15 -16.66 31.52
C GLU A 23 5.07 -15.61 31.83
N ASP A 24 3.79 -15.98 31.76
CA ASP A 24 2.74 -15.04 32.10
C ASP A 24 2.23 -15.26 33.52
N LEU A 25 1.71 -14.20 34.13
CA LEU A 25 1.26 -14.22 35.52
C LEU A 25 -0.24 -14.49 35.63
N SER A 26 -0.62 -15.28 36.61
CA SER A 26 -2.02 -15.34 37.03
C SER A 26 -2.27 -14.19 38.00
N PHE A 27 -3.47 -13.62 37.94
CA PHE A 27 -3.88 -12.61 38.91
C PHE A 27 -5.39 -12.60 39.10
N GLN A 28 -5.84 -12.04 40.21
CA GLN A 28 -7.27 -11.89 40.48
C GLN A 28 -7.69 -10.45 40.28
N LYS A 29 -8.99 -10.23 40.08
CA LYS A 29 -9.55 -8.88 40.02
C LYS A 29 -9.23 -8.13 41.30
N GLY A 30 -8.59 -6.97 41.17
CA GLY A 30 -8.21 -6.19 42.34
C GLY A 30 -6.71 -6.20 42.62
N ASP A 31 -6.01 -7.21 42.13
CA ASP A 31 -4.56 -7.33 42.33
C ASP A 31 -3.84 -6.13 41.73
N GLN A 32 -2.86 -5.61 42.46
CA GLN A 32 -2.05 -4.52 41.96
C GLN A 32 -0.70 -5.04 41.52
N MET A 33 -0.07 -4.31 40.59
CA MET A 33 1.23 -4.72 40.07
C MET A 33 2.06 -3.54 39.61
N VAL A 34 3.38 -3.70 39.72
CA VAL A 34 4.32 -2.70 39.23
C VAL A 34 4.62 -3.00 37.77
N VAL A 35 4.59 -1.97 36.92
CA VAL A 35 4.88 -2.15 35.50
C VAL A 35 6.38 -2.03 35.26
N LEU A 36 6.95 -3.03 34.59
CA LEU A 36 8.40 -3.07 34.36
C LEU A 36 8.73 -2.69 32.91
N GLU A 37 7.85 -3.08 31.99
CA GLU A 37 8.07 -2.83 30.58
C GLU A 37 6.74 -2.70 29.86
N GLU A 38 6.63 -1.72 28.97
CA GLU A 38 5.44 -1.54 28.16
C GLU A 38 5.70 -1.97 26.72
N SER A 39 5.49 -3.25 26.46
CA SER A 39 5.85 -3.87 25.19
C SER A 39 4.63 -4.27 24.35
N GLY A 40 3.63 -3.39 24.32
CA GLY A 40 2.46 -3.60 23.49
C GLY A 40 1.31 -4.30 24.19
N GLU A 41 0.86 -5.43 23.62
CA GLU A 41 -0.29 -6.16 24.14
C GLU A 41 0.06 -6.88 25.44
N TRP A 42 1.32 -7.24 25.58
CA TRP A 42 1.80 -7.82 26.83
C TRP A 42 2.73 -6.83 27.51
N TRP A 43 2.55 -6.65 28.82
CA TRP A 43 3.45 -5.84 29.61
C TRP A 43 4.16 -6.73 30.61
N LYS A 44 5.44 -6.47 30.84
CA LYS A 44 6.11 -7.17 31.93
C LYS A 44 5.81 -6.46 33.24
N ALA A 45 5.39 -7.22 34.24
CA ALA A 45 4.95 -6.64 35.51
C ALA A 45 5.44 -7.44 36.70
N ARG A 46 5.28 -6.88 37.89
CA ARG A 46 5.48 -7.65 39.13
C ARG A 46 4.23 -7.56 39.97
N SER A 47 3.64 -8.71 40.27
CA SER A 47 2.44 -8.75 41.12
C SER A 47 2.79 -8.46 42.58
N LEU A 48 2.14 -7.46 43.17
CA LEU A 48 2.38 -7.11 44.56
C LEU A 48 1.75 -8.16 45.47
N ALA A 49 0.81 -8.92 44.92
CA ALA A 49 0.14 -9.98 45.65
C ALA A 49 1.02 -11.24 45.78
N THR A 50 1.77 -11.56 44.74
CA THR A 50 2.56 -12.80 44.69
C THR A 50 4.08 -12.57 44.68
N ARG A 51 4.48 -11.36 44.29
CA ARG A 51 5.88 -10.95 44.15
C ARG A 51 6.52 -11.51 42.86
N LYS A 52 5.72 -12.22 42.07
CA LYS A 52 6.18 -12.84 40.83
C LYS A 52 6.33 -11.85 39.68
N GLU A 53 7.36 -12.02 38.88
CA GLU A 53 7.58 -11.18 37.71
C GLU A 53 7.24 -11.98 36.45
N GLY A 54 6.64 -11.30 35.47
CA GLY A 54 6.20 -11.97 34.26
C GLY A 54 5.32 -11.09 33.39
N TYR A 55 4.60 -11.71 32.46
CA TYR A 55 3.83 -10.97 31.48
C TYR A 55 2.34 -10.95 31.75
N ILE A 56 1.72 -9.80 31.49
CA ILE A 56 0.29 -9.63 31.69
C ILE A 56 -0.31 -8.95 30.46
N PRO A 57 -1.58 -9.28 30.15
CA PRO A 57 -2.25 -8.63 29.01
C PRO A 57 -2.56 -7.19 29.40
N SER A 58 -2.01 -6.22 28.68
CA SER A 58 -2.17 -4.80 29.01
C SER A 58 -3.63 -4.34 29.09
N ASN A 59 -4.51 -5.01 28.36
CA ASN A 59 -5.92 -4.63 28.37
C ASN A 59 -6.70 -5.20 29.56
N TYR A 60 -6.02 -5.99 30.39
CA TYR A 60 -6.66 -6.56 31.57
C TYR A 60 -6.46 -5.68 32.80
N VAL A 61 -5.66 -4.64 32.64
CA VAL A 61 -5.31 -3.76 33.76
C VAL A 61 -5.47 -2.29 33.42
N ALA A 62 -5.48 -1.45 34.45
CA ALA A 62 -5.52 0.00 34.28
C ALA A 62 -4.83 0.67 35.46
N ARG A 63 -4.40 1.92 35.27
CA ARG A 63 -3.78 2.67 36.36
C ARG A 63 -4.72 2.81 37.57
N VAL A 64 -4.13 2.75 38.76
CA VAL A 64 -4.85 2.77 40.03
C VAL A 64 -5.73 4.00 40.19
N ASP A 65 -6.91 3.80 40.78
CA ASP A 65 -7.86 4.89 41.09
C ASP A 65 -8.33 5.74 39.90
N SER A 66 -7.79 5.47 38.71
CA SER A 66 -8.26 6.12 37.49
C SER A 66 -9.67 5.61 37.16
N LEU A 67 -10.35 6.30 36.26
CA LEU A 67 -11.76 6.04 35.99
C LEU A 67 -12.07 4.63 35.47
N GLU A 68 -11.14 4.06 34.69
CA GLU A 68 -11.34 2.72 34.13
C GLU A 68 -11.51 1.65 35.21
N THR A 69 -11.03 1.92 36.41
CA THR A 69 -11.16 0.96 37.52
C THR A 69 -12.61 0.87 38.01
N GLU A 70 -13.40 1.91 37.74
CA GLU A 70 -14.79 1.96 38.19
C GLU A 70 -15.68 0.99 37.41
N GLU A 71 -16.55 0.30 38.13
CA GLU A 71 -17.44 -0.72 37.54
C GLU A 71 -18.48 -0.12 36.60
N TRP A 72 -18.71 1.20 36.73
CA TRP A 72 -19.70 1.89 35.90
C TRP A 72 -19.08 2.72 34.78
N PHE A 73 -17.75 2.80 34.72
CA PHE A 73 -17.12 3.55 33.64
C PHE A 73 -16.74 2.64 32.46
N PHE A 74 -16.98 3.14 31.25
CA PHE A 74 -16.65 2.38 30.05
C PHE A 74 -15.87 3.25 29.08
N LYS A 75 -14.57 2.97 28.95
CA LYS A 75 -13.69 3.80 28.14
C LYS A 75 -13.89 3.59 26.63
N GLY A 76 -13.91 4.68 25.89
CA GLY A 76 -13.97 4.64 24.43
C GLY A 76 -15.18 4.01 23.78
N ILE A 77 -16.26 3.82 24.54
CA ILE A 77 -17.47 3.22 23.98
C ILE A 77 -18.34 4.29 23.32
N SER A 78 -18.71 4.05 22.07
CA SER A 78 -19.55 4.98 21.32
C SER A 78 -20.98 4.95 21.82
N ARG A 79 -21.79 5.91 21.38
CA ARG A 79 -23.20 5.95 21.76
C ARG A 79 -23.89 4.68 21.31
N LYS A 80 -23.67 4.29 20.07
CA LYS A 80 -24.27 3.07 19.53
C LYS A 80 -23.80 1.81 20.24
N ASP A 81 -22.50 1.69 20.52
CA ASP A 81 -22.00 0.50 21.22
C ASP A 81 -22.50 0.46 22.67
N ALA A 82 -22.73 1.63 23.27
CA ALA A 82 -23.33 1.69 24.59
C ALA A 82 -24.73 1.07 24.56
N GLU A 83 -25.51 1.42 23.54
CA GLU A 83 -26.83 0.82 23.34
C GLU A 83 -26.75 -0.69 23.24
N ARG A 84 -25.87 -1.16 22.38
CA ARG A 84 -25.66 -2.60 22.17
C ARG A 84 -25.32 -3.33 23.48
N GLN A 85 -24.38 -2.78 24.24
CA GLN A 85 -23.99 -3.39 25.52
C GLN A 85 -25.16 -3.42 26.50
N LEU A 86 -25.83 -2.27 26.65
CA LEU A 86 -26.90 -2.14 27.63
C LEU A 86 -28.15 -2.95 27.26
N LEU A 87 -28.33 -3.22 25.97
CA LEU A 87 -29.43 -4.05 25.50
C LEU A 87 -29.08 -5.54 25.47
N ALA A 88 -27.81 -5.86 25.68
CA ALA A 88 -27.33 -7.25 25.66
C ALA A 88 -27.87 -8.04 26.85
N PRO A 89 -27.97 -9.38 26.71
CA PRO A 89 -28.51 -10.24 27.79
C PRO A 89 -27.84 -10.03 29.15
N GLY A 90 -28.64 -10.02 30.20
CA GLY A 90 -28.11 -9.91 31.55
C GLY A 90 -28.32 -8.56 32.21
N ASN A 91 -28.81 -7.59 31.43
CA ASN A 91 -29.09 -6.26 31.97
C ASN A 91 -30.56 -6.10 32.31
N MET A 92 -30.95 -4.90 32.75
CA MET A 92 -32.32 -4.65 33.17
C MET A 92 -32.62 -3.16 33.28
N LEU A 93 -33.86 -2.82 33.67
CA LEU A 93 -34.26 -1.44 33.89
C LEU A 93 -33.30 -0.69 34.79
N GLY A 94 -32.79 0.44 34.30
CA GLY A 94 -31.91 1.28 35.10
C GLY A 94 -30.44 0.93 34.97
N SER A 95 -30.14 -0.19 34.31
CA SER A 95 -28.76 -0.54 34.00
C SER A 95 -28.12 0.65 33.30
N PHE A 96 -26.89 0.98 33.71
CA PHE A 96 -26.26 2.20 33.23
C PHE A 96 -24.76 2.08 33.03
N MET A 97 -24.20 3.12 32.41
CA MET A 97 -22.75 3.27 32.28
C MET A 97 -22.41 4.74 32.11
N ILE A 98 -21.24 5.14 32.61
CA ILE A 98 -20.69 6.44 32.28
C ILE A 98 -19.54 6.15 31.33
N ARG A 99 -19.42 6.95 30.28
CA ARG A 99 -18.48 6.66 29.21
C ARG A 99 -17.93 7.93 28.62
N ASP A 100 -16.85 7.83 27.84
CA ASP A 100 -16.32 9.00 27.14
C ASP A 100 -17.35 9.48 26.11
N SER A 101 -17.52 10.79 26.02
CA SER A 101 -18.44 11.36 25.04
C SER A 101 -17.85 11.27 23.64
N GLU A 102 -18.61 10.66 22.74
CA GLU A 102 -18.21 10.47 21.36
C GLU A 102 -18.13 11.81 20.61
N THR A 103 -19.11 12.69 20.86
CA THR A 103 -19.21 13.96 20.13
C THR A 103 -18.78 15.20 20.93
N THR A 104 -18.49 15.02 22.21
CA THR A 104 -17.98 16.12 23.03
C THR A 104 -16.64 15.71 23.64
N LYS A 105 -15.62 15.63 22.78
CA LYS A 105 -14.29 15.14 23.16
C LYS A 105 -13.79 15.69 24.48
N GLY A 106 -13.27 14.80 25.32
CA GLY A 106 -12.75 15.20 26.62
C GLY A 106 -13.79 15.15 27.71
N SER A 107 -15.05 15.01 27.32
CA SER A 107 -16.14 14.97 28.29
C SER A 107 -16.80 13.60 28.34
N TYR A 108 -17.78 13.45 29.23
CA TYR A 108 -18.41 12.16 29.47
C TYR A 108 -19.91 12.18 29.18
N SER A 109 -20.48 10.98 29.03
CA SER A 109 -21.92 10.85 28.85
C SER A 109 -22.45 9.68 29.65
N LEU A 110 -23.73 9.73 29.97
CA LEU A 110 -24.38 8.69 30.77
C LEU A 110 -25.42 7.98 29.93
N SER A 111 -25.39 6.65 29.92
CA SER A 111 -26.35 5.90 29.14
C SER A 111 -27.15 4.99 30.06
N VAL A 112 -28.48 5.09 29.96
CA VAL A 112 -29.37 4.38 30.89
C VAL A 112 -30.35 3.49 30.14
N ARG A 113 -30.55 2.27 30.64
CA ARG A 113 -31.54 1.38 30.04
C ARG A 113 -32.95 1.68 30.57
N ASP A 114 -33.91 1.80 29.65
CA ASP A 114 -35.26 2.21 29.99
C ASP A 114 -36.26 1.32 29.26
N TYR A 115 -37.55 1.48 29.56
CA TYR A 115 -38.61 0.80 28.82
C TYR A 115 -39.66 1.80 28.37
N ASP A 116 -39.91 1.83 27.07
CA ASP A 116 -40.95 2.68 26.51
C ASP A 116 -42.08 1.80 26.01
N PRO A 117 -43.31 2.09 26.44
CA PRO A 117 -44.51 1.33 26.07
C PRO A 117 -44.63 1.02 24.58
N ARG A 118 -44.50 2.04 23.72
CA ARG A 118 -44.63 1.87 22.28
C ARG A 118 -43.60 0.92 21.69
N GLN A 119 -42.33 1.11 22.06
CA GLN A 119 -41.21 0.41 21.42
C GLN A 119 -40.64 -0.73 22.27
N GLY A 120 -40.66 -0.56 23.58
CA GLY A 120 -40.11 -1.55 24.49
C GLY A 120 -38.82 -1.07 25.13
N ASP A 121 -37.87 -1.99 25.29
CA ASP A 121 -36.58 -1.64 25.86
C ASP A 121 -35.82 -0.66 24.97
N THR A 122 -35.20 0.33 25.60
CA THR A 122 -34.44 1.36 24.90
C THR A 122 -33.28 1.81 25.76
N VAL A 123 -32.36 2.56 25.17
CA VAL A 123 -31.29 3.19 25.92
C VAL A 123 -31.35 4.68 25.64
N LYS A 124 -31.28 5.48 26.68
CA LYS A 124 -31.30 6.91 26.53
C LYS A 124 -29.94 7.44 26.96
N HIS A 125 -29.55 8.59 26.41
CA HIS A 125 -28.23 9.15 26.67
C HIS A 125 -28.32 10.57 27.20
N TYR A 126 -27.53 10.86 28.23
CA TYR A 126 -27.48 12.20 28.78
C TYR A 126 -26.06 12.72 28.71
N LYS A 127 -25.90 13.97 28.30
CA LYS A 127 -24.59 14.61 28.30
C LYS A 127 -24.28 14.95 29.74
N ILE A 128 -23.04 14.69 30.16
CA ILE A 128 -22.60 15.11 31.48
C ILE A 128 -21.76 16.37 31.33
N ARG A 129 -22.17 17.43 32.03
CA ARG A 129 -21.53 18.72 31.96
C ARG A 129 -20.41 18.84 32.98
N THR A 130 -19.18 19.07 32.51
CA THR A 130 -18.06 19.25 33.42
C THR A 130 -18.10 20.64 34.06
N GLY A 135 -15.82 19.84 38.61
CA GLY A 135 -17.18 19.54 39.02
C GLY A 135 -18.06 19.05 37.87
N PHE A 136 -19.12 18.33 38.20
CA PHE A 136 -19.98 17.71 37.18
C PHE A 136 -21.48 17.95 37.42
N TYR A 137 -22.26 17.92 36.35
CA TYR A 137 -23.72 18.00 36.44
C TYR A 137 -24.41 17.57 35.14
N ILE A 138 -25.65 17.10 35.25
CA ILE A 138 -26.51 16.92 34.09
C ILE A 138 -27.53 18.05 34.06
N SER A 139 -28.07 18.39 35.24
CA SER A 139 -28.88 19.59 35.43
C SER A 139 -28.13 20.51 36.37
N PRO A 140 -28.26 21.84 36.18
CA PRO A 140 -27.51 22.79 37.02
C PRO A 140 -27.97 22.81 38.47
N ARG A 141 -29.12 22.20 38.75
CA ARG A 141 -29.68 22.16 40.11
C ARG A 141 -29.08 21.03 40.94
N SER A 142 -28.35 20.14 40.27
CA SER A 142 -27.69 19.03 40.95
C SER A 142 -26.23 18.96 40.50
N THR A 143 -25.35 19.56 41.29
CA THR A 143 -23.93 19.59 40.97
C THR A 143 -23.14 18.65 41.88
N PHE A 144 -22.11 18.02 41.32
CA PHE A 144 -21.34 17.02 42.05
C PHE A 144 -19.84 17.21 41.84
N SER A 145 -19.05 16.89 42.87
CA SER A 145 -17.60 16.97 42.75
C SER A 145 -17.02 15.77 41.99
N THR A 146 -17.65 14.61 42.17
CA THR A 146 -17.20 13.39 41.50
C THR A 146 -18.31 12.73 40.68
N LEU A 147 -17.93 11.79 39.81
CA LEU A 147 -18.88 11.03 39.04
C LEU A 147 -19.56 9.97 39.91
N GLN A 148 -18.84 9.48 40.91
CA GLN A 148 -19.40 8.52 41.86
C GLN A 148 -20.52 9.17 42.68
N GLU A 149 -20.29 10.42 43.09
CA GLU A 149 -21.34 11.22 43.72
C GLU A 149 -22.55 11.28 42.80
N LEU A 150 -22.29 11.73 41.57
CA LEU A 150 -23.28 11.75 40.50
C LEU A 150 -24.03 10.43 40.39
N VAL A 151 -23.28 9.33 40.28
CA VAL A 151 -23.89 8.00 40.19
C VAL A 151 -24.77 7.69 41.41
N ASP A 152 -24.23 7.97 42.59
CA ASP A 152 -24.93 7.69 43.84
C ASP A 152 -26.26 8.46 43.96
N HIS A 153 -26.30 9.71 43.50
CA HIS A 153 -27.53 10.47 43.57
C HIS A 153 -28.65 9.84 42.74
N TYR A 154 -28.34 9.49 41.50
CA TYR A 154 -29.35 8.94 40.60
C TYR A 154 -29.66 7.48 40.86
N LYS A 155 -28.95 6.88 41.81
CA LYS A 155 -29.32 5.56 42.31
C LYS A 155 -30.49 5.69 43.26
N LYS A 156 -30.54 6.82 43.96
CA LYS A 156 -31.56 7.08 44.98
C LYS A 156 -32.95 7.28 44.37
N GLY A 157 -33.03 8.16 43.38
CA GLY A 157 -34.29 8.40 42.68
C GLY A 157 -34.05 9.10 41.36
N ASN A 158 -34.93 8.87 40.39
CA ASN A 158 -34.78 9.55 39.10
C ASN A 158 -35.03 11.06 39.23
N ASP A 159 -33.95 11.83 39.30
CA ASP A 159 -34.06 13.27 39.44
C ASP A 159 -34.23 13.91 38.07
N GLY A 160 -35.26 13.47 37.35
CA GLY A 160 -35.53 13.99 36.02
C GLY A 160 -35.18 12.97 34.94
N LEU A 161 -34.36 11.99 35.29
CA LEU A 161 -33.95 10.96 34.34
C LEU A 161 -35.12 10.05 33.98
N CYS A 162 -34.99 9.35 32.86
CA CYS A 162 -35.99 8.41 32.38
C CYS A 162 -36.18 7.24 33.33
N GLN A 163 -35.15 7.01 34.15
CA GLN A 163 -35.13 5.82 35.00
C GLN A 163 -34.15 5.98 36.17
N LYS A 164 -34.56 5.50 37.35
CA LYS A 164 -33.68 5.48 38.52
C LYS A 164 -32.54 4.50 38.25
N LEU A 165 -31.29 4.93 38.44
CA LEU A 165 -30.14 4.07 38.22
C LEU A 165 -30.18 2.82 39.10
N SER A 166 -29.90 1.67 38.51
CA SER A 166 -29.81 0.42 39.26
C SER A 166 -28.39 -0.13 39.26
N VAL A 167 -28.10 -1.01 38.31
CA VAL A 167 -26.85 -1.75 38.27
C VAL A 167 -26.01 -1.40 37.02
N PRO A 168 -24.69 -1.22 37.18
CA PRO A 168 -23.79 -0.95 36.06
C PRO A 168 -23.97 -1.96 34.92
N CYS A 169 -23.72 -1.55 33.68
CA CYS A 169 -23.87 -2.43 32.53
C CYS A 169 -23.03 -3.67 32.70
N MET A 170 -23.56 -4.82 32.27
CA MET A 170 -22.76 -6.03 32.29
C MET A 170 -21.54 -5.84 31.39
N SER A 171 -20.39 -6.20 31.92
CA SER A 171 -19.18 -6.26 31.12
C SER A 171 -18.74 -7.71 31.05
N SER A 172 -17.97 -8.06 30.02
CA SER A 172 -17.36 -9.38 29.96
C SER A 172 -15.86 -9.24 29.75
N LYS A 173 -15.12 -10.27 30.18
CA LYS A 173 -13.68 -10.32 30.00
C LYS A 173 -13.32 -10.08 28.54
N PRO A 174 -12.35 -9.19 28.29
CA PRO A 174 -11.91 -9.00 26.90
C PRO A 174 -11.16 -10.25 26.45
N GLN A 175 -10.85 -10.36 25.17
CA GLN A 175 -10.17 -11.55 24.68
C GLN A 175 -8.69 -11.53 25.03
N LYS A 176 -8.19 -12.64 25.58
CA LYS A 176 -6.76 -12.84 25.75
C LYS A 176 -6.07 -12.44 24.46
N PRO A 177 -5.04 -11.57 24.56
CA PRO A 177 -4.29 -11.27 23.34
C PRO A 177 -3.43 -12.49 22.97
N TRP A 178 -3.00 -12.58 21.71
CA TRP A 178 -2.21 -13.70 21.23
C TRP A 178 -0.87 -13.77 21.95
N GLU A 179 -0.27 -14.96 21.99
CA GLU A 179 1.05 -15.14 22.57
C GLU A 179 2.05 -14.13 22.00
N LYS A 180 2.89 -13.57 22.87
CA LYS A 180 3.92 -12.62 22.44
C LYS A 180 4.84 -13.26 21.42
N ASP A 181 5.25 -12.48 20.42
CA ASP A 181 6.24 -12.92 19.43
C ASP A 181 5.92 -14.28 18.83
N ALA A 182 4.66 -14.46 18.42
CA ALA A 182 4.22 -15.74 17.87
C ALA A 182 3.41 -15.55 16.60
N TRP A 183 3.88 -14.65 15.74
CA TRP A 183 3.27 -14.42 14.44
C TRP A 183 3.55 -15.62 13.53
N GLU A 184 4.80 -16.02 13.46
CA GLU A 184 5.20 -17.25 12.77
C GLU A 184 5.31 -18.38 13.77
N ILE A 185 4.56 -19.46 13.55
CA ILE A 185 4.54 -20.59 14.47
C ILE A 185 4.81 -21.90 13.73
N PRO A 186 5.30 -22.93 14.44
CA PRO A 186 5.50 -24.21 13.77
C PRO A 186 4.18 -24.97 13.67
N ARG A 187 4.00 -25.74 12.60
CA ARG A 187 2.76 -26.49 12.39
C ARG A 187 2.45 -27.38 13.59
N GLU A 188 3.51 -27.82 14.28
CA GLU A 188 3.39 -28.71 15.44
C GLU A 188 2.53 -28.18 16.58
N SER A 189 2.48 -26.85 16.71
CA SER A 189 1.72 -26.21 17.78
C SER A 189 0.20 -26.34 17.60
N LEU A 190 -0.23 -26.84 16.44
CA LEU A 190 -1.66 -26.90 16.14
C LEU A 190 -2.20 -28.32 16.13
N LYS A 191 -3.45 -28.46 16.57
CA LYS A 191 -4.22 -29.66 16.30
C LYS A 191 -5.49 -29.19 15.58
N LEU A 192 -5.64 -29.56 14.31
CA LEU A 192 -6.83 -29.21 13.55
C LEU A 192 -7.90 -30.28 13.80
N GLU A 193 -8.88 -29.94 14.64
CA GLU A 193 -9.77 -30.95 15.22
C GLU A 193 -11.04 -31.23 14.44
N LYS A 194 -11.52 -30.24 13.70
CA LYS A 194 -12.80 -30.40 13.00
C LYS A 194 -12.88 -29.54 11.75
N LYS A 195 -13.07 -30.19 10.60
CA LYS A 195 -13.20 -29.47 9.35
C LYS A 195 -14.55 -28.77 9.35
N LEU A 196 -14.53 -27.46 9.15
CA LEU A 196 -15.75 -26.68 9.21
C LEU A 196 -16.26 -26.39 7.81
N GLY A 197 -15.33 -26.21 6.88
CA GLY A 197 -15.65 -25.85 5.53
C GLY A 197 -14.53 -26.25 4.59
N ALA A 198 -14.87 -26.42 3.32
CA ALA A 198 -13.92 -26.89 2.32
C ALA A 198 -14.29 -26.32 0.95
N GLY A 199 -13.29 -25.91 0.19
CA GLY A 199 -13.55 -25.30 -1.11
C GLY A 199 -12.39 -25.39 -2.09
N GLN A 200 -12.51 -24.61 -3.16
CA GLN A 200 -11.56 -24.62 -4.27
C GLN A 200 -10.13 -24.30 -3.85
N PHE A 201 -9.99 -23.42 -2.88
CA PHE A 201 -8.69 -22.86 -2.55
C PHE A 201 -8.12 -23.38 -1.23
N GLY A 202 -8.89 -24.23 -0.55
CA GLY A 202 -8.43 -24.84 0.68
C GLY A 202 -9.54 -25.18 1.65
N GLU A 203 -9.20 -25.24 2.94
CA GLU A 203 -10.13 -25.69 3.97
C GLU A 203 -10.14 -24.74 5.18
N VAL A 204 -11.18 -24.85 6.00
CA VAL A 204 -11.21 -24.14 7.27
C VAL A 204 -11.48 -25.15 8.38
N TRP A 205 -10.73 -25.05 9.46
CA TRP A 205 -10.83 -26.01 10.55
C TRP A 205 -11.00 -25.32 11.90
N MET A 206 -11.72 -25.98 12.80
CA MET A 206 -11.68 -25.62 14.20
C MET A 206 -10.38 -26.23 14.71
N ALA A 207 -9.62 -25.47 15.49
CA ALA A 207 -8.31 -25.96 15.93
C ALA A 207 -7.92 -25.47 17.32
N THR A 208 -7.02 -26.20 17.96
CA THR A 208 -6.42 -25.77 19.22
C THR A 208 -4.95 -25.43 18.99
N TYR A 209 -4.49 -24.33 19.60
CA TYR A 209 -3.09 -23.93 19.55
C TYR A 209 -2.44 -24.15 20.91
N ASN A 210 -1.39 -24.98 20.93
CA ASN A 210 -0.67 -25.35 22.14
C ASN A 210 -1.54 -25.73 23.35
N LYS A 211 -2.63 -26.45 23.07
CA LYS A 211 -3.51 -27.04 24.09
C LYS A 211 -4.30 -26.06 24.94
N HIS A 212 -4.19 -24.76 24.67
CA HIS A 212 -4.85 -23.76 25.52
C HIS A 212 -5.85 -22.83 24.81
N THR A 213 -5.72 -22.66 23.51
CA THR A 213 -6.49 -21.64 22.81
C THR A 213 -7.24 -22.17 21.58
N LYS A 214 -8.56 -22.05 21.60
CA LYS A 214 -9.41 -22.39 20.44
C LYS A 214 -9.23 -21.36 19.31
N VAL A 215 -8.97 -21.85 18.10
CA VAL A 215 -8.79 -20.98 16.95
C VAL A 215 -9.44 -21.56 15.70
N ALA A 216 -9.46 -20.78 14.62
CA ALA A 216 -9.82 -21.29 13.31
C ALA A 216 -8.57 -21.27 12.44
N VAL A 217 -8.42 -22.31 11.62
CA VAL A 217 -7.30 -22.35 10.69
C VAL A 217 -7.79 -22.49 9.24
N LYS A 218 -7.42 -21.52 8.40
CA LYS A 218 -7.67 -21.64 6.97
C LYS A 218 -6.43 -22.22 6.28
N THR A 219 -6.60 -23.37 5.65
CA THR A 219 -5.50 -24.05 4.97
C THR A 219 -5.46 -23.65 3.49
N MET A 220 -4.30 -23.21 3.02
CA MET A 220 -4.17 -22.71 1.65
C MET A 220 -3.54 -23.74 0.71
N LYS A 221 -4.27 -24.11 -0.33
CA LYS A 221 -3.71 -25.00 -1.36
C LYS A 221 -2.67 -24.26 -2.17
N PRO A 222 -1.55 -24.95 -2.49
CA PRO A 222 -0.44 -24.40 -3.28
C PRO A 222 -0.93 -23.77 -4.58
N GLY A 223 -0.30 -22.68 -5.03
CA GLY A 223 -0.76 -22.01 -6.23
C GLY A 223 0.23 -21.08 -6.90
N SER A 224 -0.26 -20.31 -7.87
CA SER A 224 0.54 -19.36 -8.62
C SER A 224 1.06 -18.29 -7.69
N MET A 225 0.37 -18.10 -6.57
CA MET A 225 0.87 -17.26 -5.49
C MET A 225 2.27 -17.70 -5.12
N SER A 226 3.19 -16.75 -5.05
CA SER A 226 4.54 -17.05 -4.57
C SER A 226 4.52 -17.08 -3.04
N VAL A 227 5.31 -17.98 -2.47
CA VAL A 227 5.34 -18.18 -1.02
C VAL A 227 5.62 -16.87 -0.28
N GLU A 228 6.76 -16.25 -0.59
CA GLU A 228 7.14 -14.99 0.04
C GLU A 228 6.17 -13.86 -0.32
N ALA A 229 5.61 -13.92 -1.53
CA ALA A 229 4.65 -12.94 -1.98
C ALA A 229 3.36 -13.04 -1.17
N PHE A 230 3.00 -14.26 -0.81
CA PHE A 230 1.79 -14.50 -0.02
C PHE A 230 1.94 -13.98 1.40
N LEU A 231 3.15 -14.06 1.93
CA LEU A 231 3.42 -13.67 3.32
C LEU A 231 3.50 -12.16 3.51
N ALA A 232 4.08 -11.46 2.55
CA ALA A 232 4.15 -10.00 2.59
C ALA A 232 2.75 -9.41 2.50
N GLU A 233 1.83 -10.14 1.87
CA GLU A 233 0.44 -9.73 1.79
C GLU A 233 -0.27 -9.93 3.12
N ALA A 234 -0.08 -11.11 3.70
CA ALA A 234 -0.65 -11.41 5.02
C ALA A 234 -0.11 -10.45 6.07
N ASN A 235 1.18 -10.12 5.98
CA ASN A 235 1.81 -9.20 6.93
C ASN A 235 1.29 -7.77 6.80
N VAL A 236 0.66 -7.46 5.68
CA VAL A 236 0.02 -6.16 5.49
C VAL A 236 -1.37 -6.18 6.10
N MET A 237 -2.07 -7.30 5.94
CA MET A 237 -3.41 -7.46 6.49
C MET A 237 -3.41 -7.43 8.02
N LYS A 238 -2.35 -7.98 8.61
CA LYS A 238 -2.19 -8.00 10.05
C LYS A 238 -2.09 -6.59 10.66
N THR A 239 -1.75 -5.60 9.83
CA THR A 239 -1.65 -4.22 10.29
C THR A 239 -2.97 -3.46 10.11
N LEU A 240 -3.81 -3.96 9.22
CA LEU A 240 -5.13 -3.36 8.99
C LEU A 240 -6.15 -3.98 9.94
N GLN A 241 -5.88 -3.89 11.25
CA GLN A 241 -6.77 -4.45 12.26
C GLN A 241 -7.95 -3.53 12.56
N HIS A 242 -9.10 -4.13 12.87
CA HIS A 242 -10.28 -3.38 13.26
C HIS A 242 -11.22 -4.31 14.01
N ASP A 243 -12.06 -3.75 14.89
CA ASP A 243 -13.00 -4.55 15.67
C ASP A 243 -13.92 -5.39 14.80
N LYS A 244 -14.28 -4.88 13.63
CA LYS A 244 -15.24 -5.56 12.76
C LYS A 244 -14.59 -6.36 11.63
N LEU A 245 -13.29 -6.63 11.75
CA LEU A 245 -12.57 -7.47 10.79
C LEU A 245 -12.03 -8.65 11.57
N VAL A 246 -12.14 -9.86 10.99
CA VAL A 246 -11.63 -11.06 11.66
C VAL A 246 -10.15 -10.86 12.03
N LYS A 247 -9.82 -11.10 13.29
CA LYS A 247 -8.44 -10.92 13.74
C LYS A 247 -7.56 -12.05 13.22
N LEU A 248 -6.46 -11.68 12.56
CA LEU A 248 -5.44 -12.64 12.13
C LEU A 248 -4.43 -12.80 13.26
N HIS A 249 -4.24 -14.04 13.72
CA HIS A 249 -3.38 -14.30 14.88
C HIS A 249 -1.98 -14.79 14.49
N ALA A 250 -1.92 -15.77 13.61
CA ALA A 250 -0.64 -16.39 13.28
C ALA A 250 -0.61 -16.93 11.86
N VAL A 251 0.56 -17.45 11.49
CA VAL A 251 0.78 -17.95 10.15
C VAL A 251 1.75 -19.15 10.22
N VAL A 252 1.50 -20.17 9.40
CA VAL A 252 2.50 -21.22 9.18
C VAL A 252 3.09 -20.97 7.80
N THR A 253 4.37 -20.61 7.77
CA THR A 253 5.01 -20.11 6.56
C THR A 253 5.43 -21.21 5.59
N LYS A 254 5.26 -22.46 5.99
CA LYS A 254 5.65 -23.60 5.17
C LYS A 254 4.45 -24.18 4.43
N GLU A 255 4.62 -24.41 3.13
CA GLU A 255 3.56 -24.98 2.31
C GLU A 255 3.14 -26.35 2.85
N PRO A 256 1.82 -26.59 2.93
CA PRO A 256 0.77 -25.61 2.58
C PRO A 256 0.52 -24.60 3.70
N ILE A 257 0.41 -23.33 3.32
CA ILE A 257 0.25 -22.23 4.26
C ILE A 257 -1.00 -22.39 5.14
N TYR A 258 -0.82 -22.27 6.45
CA TYR A 258 -1.94 -22.18 7.38
C TYR A 258 -2.08 -20.74 7.86
N ILE A 259 -3.31 -20.24 7.85
CA ILE A 259 -3.62 -18.93 8.43
C ILE A 259 -4.48 -19.15 9.67
N ILE A 260 -4.02 -18.65 10.81
CA ILE A 260 -4.69 -18.88 12.09
C ILE A 260 -5.39 -17.60 12.53
N THR A 261 -6.70 -17.68 12.75
CA THR A 261 -7.50 -16.52 13.11
C THR A 261 -8.31 -16.81 14.36
N GLU A 262 -8.96 -15.79 14.91
CA GLU A 262 -9.89 -16.00 16.02
C GLU A 262 -11.03 -16.90 15.58
N PHE A 263 -11.59 -17.64 16.53
CA PHE A 263 -12.73 -18.52 16.29
C PHE A 263 -14.05 -17.79 16.46
N MET A 264 -14.84 -17.75 15.39
CA MET A 264 -16.18 -17.17 15.48
C MET A 264 -17.22 -18.27 15.71
N ALA A 265 -17.73 -18.32 16.94
CA ALA A 265 -18.47 -19.47 17.43
C ALA A 265 -19.77 -19.81 16.70
N LYS A 266 -20.26 -18.88 15.87
CA LYS A 266 -21.54 -19.09 15.20
C LYS A 266 -21.43 -19.20 13.69
N GLY A 267 -20.21 -19.31 13.18
CA GLY A 267 -19.99 -19.57 11.77
C GLY A 267 -20.31 -18.40 10.86
N SER A 268 -20.64 -18.66 9.60
CA SER A 268 -20.94 -17.60 8.66
C SER A 268 -22.31 -17.01 8.95
N LEU A 269 -22.52 -15.77 8.51
CA LEU A 269 -23.82 -15.12 8.67
C LEU A 269 -24.87 -15.88 7.85
N LEU A 270 -24.47 -16.32 6.66
CA LEU A 270 -25.37 -17.07 5.78
C LEU A 270 -25.98 -18.27 6.48
N ASP A 271 -25.11 -19.15 6.99
CA ASP A 271 -25.58 -20.34 7.71
C ASP A 271 -26.34 -19.97 8.98
N PHE A 272 -25.87 -18.96 9.70
CA PHE A 272 -26.54 -18.54 10.92
C PHE A 272 -27.96 -18.05 10.70
N LEU A 273 -28.18 -17.27 9.64
CA LEU A 273 -29.52 -16.74 9.35
C LEU A 273 -30.47 -17.85 8.94
N LYS A 274 -29.95 -18.83 8.19
CA LYS A 274 -30.73 -19.99 7.77
C LYS A 274 -30.89 -21.02 8.89
N SER A 275 -30.61 -20.62 10.13
CA SER A 275 -30.70 -21.53 11.26
C SER A 275 -31.94 -21.24 12.10
N ASP A 276 -32.16 -22.06 13.12
CA ASP A 276 -33.28 -21.89 14.03
C ASP A 276 -33.14 -20.59 14.79
N GLU A 277 -31.97 -20.36 15.39
CA GLU A 277 -31.72 -19.15 16.17
C GLU A 277 -31.71 -17.91 15.29
N GLY A 278 -31.27 -18.07 14.04
CA GLY A 278 -31.25 -16.98 13.09
C GLY A 278 -32.63 -16.51 12.72
N SER A 279 -33.51 -17.46 12.40
CA SER A 279 -34.86 -17.14 11.96
C SER A 279 -35.70 -16.47 13.06
N LYS A 280 -35.19 -16.45 14.28
CA LYS A 280 -35.88 -15.79 15.39
C LYS A 280 -35.35 -14.37 15.64
N GLN A 281 -34.38 -13.95 14.85
CA GLN A 281 -33.84 -12.60 14.96
C GLN A 281 -34.84 -11.62 14.36
N PRO A 282 -35.36 -10.69 15.18
CA PRO A 282 -36.30 -9.73 14.60
C PRO A 282 -35.58 -8.72 13.73
N LEU A 283 -36.34 -7.88 13.05
CA LEU A 283 -35.79 -6.93 12.08
C LEU A 283 -34.74 -5.93 12.62
N PRO A 284 -34.98 -5.34 13.81
CA PRO A 284 -33.95 -4.44 14.34
C PRO A 284 -32.59 -5.12 14.55
N LYS A 285 -32.60 -6.42 14.83
CA LYS A 285 -31.35 -7.17 15.00
C LYS A 285 -30.60 -7.26 13.68
N LEU A 286 -31.33 -7.62 12.62
CA LEU A 286 -30.76 -7.75 11.29
C LEU A 286 -30.15 -6.44 10.80
N ILE A 287 -30.84 -5.34 11.06
CA ILE A 287 -30.32 -4.01 10.71
C ILE A 287 -29.04 -3.74 11.49
N ASP A 288 -29.05 -4.08 12.77
CA ASP A 288 -27.85 -3.96 13.59
C ASP A 288 -26.67 -4.76 13.02
N PHE A 289 -26.91 -6.01 12.65
CA PHE A 289 -25.90 -6.80 11.94
C PHE A 289 -25.38 -6.01 10.74
N SER A 290 -26.30 -5.41 9.98
CA SER A 290 -25.95 -4.67 8.78
C SER A 290 -25.10 -3.46 9.11
N ALA A 291 -25.43 -2.79 10.20
CA ALA A 291 -24.69 -1.62 10.63
C ALA A 291 -23.27 -2.01 11.04
N GLN A 292 -23.13 -3.14 11.71
CA GLN A 292 -21.81 -3.61 12.16
C GLN A 292 -20.91 -3.93 10.97
N ILE A 293 -21.49 -4.54 9.94
CA ILE A 293 -20.75 -4.85 8.72
C ILE A 293 -20.37 -3.56 8.01
N ALA A 294 -21.34 -2.67 7.85
CA ALA A 294 -21.09 -1.36 7.25
C ALA A 294 -19.96 -0.61 7.96
N GLU A 295 -19.86 -0.76 9.28
CA GLU A 295 -18.77 -0.13 10.04
C GLU A 295 -17.43 -0.73 9.62
N GLY A 296 -17.39 -2.05 9.48
CA GLY A 296 -16.22 -2.73 8.98
C GLY A 296 -15.83 -2.20 7.61
N MET A 297 -16.82 -2.14 6.71
CA MET A 297 -16.58 -1.62 5.36
C MET A 297 -16.18 -0.15 5.34
N ALA A 298 -16.58 0.60 6.36
CA ALA A 298 -16.21 2.01 6.47
C ALA A 298 -14.72 2.15 6.80
N PHE A 299 -14.20 1.24 7.61
CA PHE A 299 -12.77 1.20 7.90
C PHE A 299 -11.96 0.93 6.63
N ILE A 300 -12.35 -0.09 5.89
CA ILE A 300 -11.71 -0.44 4.63
C ILE A 300 -11.77 0.73 3.64
N GLU A 301 -12.94 1.35 3.54
CA GLU A 301 -13.14 2.53 2.71
C GLU A 301 -12.19 3.67 3.05
N GLN A 302 -12.06 3.97 4.35
CA GLN A 302 -11.17 5.03 4.81
C GLN A 302 -9.71 4.76 4.44
N ARG A 303 -9.34 3.48 4.49
CA ARG A 303 -7.98 3.07 4.20
C ARG A 303 -7.68 2.96 2.70
N ASN A 304 -8.63 3.36 1.88
CA ASN A 304 -8.51 3.23 0.43
C ASN A 304 -8.17 1.82 -0.01
N TYR A 305 -8.73 0.84 0.69
CA TYR A 305 -8.65 -0.54 0.25
C TYR A 305 -9.99 -0.98 -0.32
N ILE A 306 -10.05 -2.25 -0.74
CA ILE A 306 -11.26 -2.83 -1.33
C ILE A 306 -11.36 -4.26 -0.80
N HIS A 307 -12.58 -4.76 -0.64
CA HIS A 307 -12.76 -6.15 -0.22
C HIS A 307 -12.91 -7.07 -1.43
N ARG A 308 -13.81 -6.71 -2.34
CA ARG A 308 -14.03 -7.40 -3.64
C ARG A 308 -14.99 -8.60 -3.58
N ASP A 309 -15.12 -9.24 -2.43
CA ASP A 309 -16.01 -10.40 -2.31
C ASP A 309 -17.00 -10.30 -1.14
N LEU A 310 -17.76 -9.22 -1.09
CA LEU A 310 -18.73 -9.03 -0.01
C LEU A 310 -20.01 -9.83 -0.22
N ARG A 311 -20.37 -10.62 0.80
CA ARG A 311 -21.61 -11.39 0.82
C ARG A 311 -21.72 -12.08 2.16
N ALA A 312 -22.88 -12.66 2.47
CA ALA A 312 -23.13 -13.17 3.82
C ALA A 312 -22.30 -14.41 4.19
N ALA A 313 -21.71 -15.06 3.18
CA ALA A 313 -20.84 -16.20 3.41
C ALA A 313 -19.47 -15.76 3.93
N ASN A 314 -19.13 -14.49 3.66
CA ASN A 314 -17.87 -13.93 4.13
C ASN A 314 -18.06 -12.95 5.29
N ILE A 315 -19.12 -13.19 6.07
CA ILE A 315 -19.34 -12.50 7.33
C ILE A 315 -19.43 -13.58 8.39
N LEU A 316 -18.72 -13.41 9.49
CA LEU A 316 -18.77 -14.38 10.57
C LEU A 316 -19.46 -13.78 11.80
N VAL A 317 -20.10 -14.64 12.58
CA VAL A 317 -20.84 -14.23 13.74
C VAL A 317 -20.23 -14.83 15.00
N SER A 318 -20.00 -14.01 16.01
CA SER A 318 -19.42 -14.49 17.26
C SER A 318 -20.52 -15.04 18.15
N ALA A 319 -20.12 -15.71 19.23
CA ALA A 319 -21.07 -16.17 20.26
C ALA A 319 -21.98 -15.06 20.77
N SER A 320 -21.49 -13.82 20.75
CA SER A 320 -22.23 -12.67 21.26
C SER A 320 -23.09 -11.99 20.21
N LEU A 321 -23.17 -12.61 19.02
CA LEU A 321 -23.88 -12.03 17.88
C LEU A 321 -23.21 -10.76 17.33
N VAL A 322 -21.89 -10.67 17.48
CA VAL A 322 -21.11 -9.64 16.81
C VAL A 322 -20.71 -10.13 15.42
N CYS A 323 -21.00 -9.34 14.41
CA CYS A 323 -20.65 -9.68 13.04
C CYS A 323 -19.30 -9.09 12.64
N LYS A 324 -18.45 -9.90 12.03
CA LYS A 324 -17.18 -9.42 11.51
C LYS A 324 -17.01 -9.86 10.07
N ILE A 325 -16.32 -9.02 9.31
CA ILE A 325 -15.99 -9.31 7.92
C ILE A 325 -14.77 -10.26 7.84
N ALA A 326 -14.90 -11.33 7.06
CA ALA A 326 -13.82 -12.30 6.90
C ALA A 326 -13.21 -12.17 5.51
N ASP A 327 -12.01 -12.71 5.34
CA ASP A 327 -11.34 -12.79 4.03
C ASP A 327 -10.97 -11.45 3.40
N PHE A 328 -10.85 -10.41 4.23
CA PHE A 328 -10.36 -9.15 3.73
C PHE A 328 -8.89 -9.32 3.31
N GLY A 329 -8.60 -9.10 2.04
CA GLY A 329 -7.24 -9.19 1.54
C GLY A 329 -6.93 -10.44 0.73
N LEU A 330 -7.71 -11.50 0.95
CA LEU A 330 -7.52 -12.77 0.23
C LEU A 330 -7.77 -12.60 -1.26
N ALA A 331 -8.56 -11.58 -1.61
CA ALA A 331 -8.96 -11.34 -2.98
C ALA A 331 -7.81 -11.00 -3.91
N ARG A 332 -6.88 -10.17 -3.42
CA ARG A 332 -5.72 -9.77 -4.20
C ARG A 332 -4.63 -10.85 -4.18
N VAL A 333 -4.65 -11.69 -3.15
CA VAL A 333 -3.69 -12.79 -3.02
C VAL A 333 -4.07 -13.98 -3.89
N ILE A 334 -5.27 -13.97 -4.42
CA ILE A 334 -5.75 -15.05 -5.29
C ILE A 334 -6.08 -14.52 -6.69
N PRO A 348 -18.88 -15.59 -8.30
CA PRO A 348 -20.18 -15.62 -7.65
C PRO A 348 -20.97 -14.39 -8.04
N ILE A 349 -21.18 -14.22 -9.34
CA ILE A 349 -21.61 -12.95 -9.94
C ILE A 349 -22.87 -12.27 -9.38
N LYS A 350 -23.74 -13.04 -8.72
CA LYS A 350 -25.00 -12.49 -8.23
C LYS A 350 -24.83 -11.42 -7.14
N TRP A 351 -23.57 -11.09 -6.83
CA TRP A 351 -23.25 -10.08 -5.83
C TRP A 351 -22.36 -9.02 -6.43
N THR A 352 -22.13 -9.09 -7.73
CA THR A 352 -21.11 -8.26 -8.35
C THR A 352 -21.68 -7.07 -9.13
N ALA A 353 -21.02 -5.93 -9.00
CA ALA A 353 -21.42 -4.70 -9.67
C ALA A 353 -21.09 -4.79 -11.16
N PRO A 354 -22.03 -4.33 -12.01
CA PRO A 354 -21.94 -4.39 -13.46
C PRO A 354 -20.57 -4.00 -14.01
N GLU A 355 -20.03 -2.86 -13.57
CA GLU A 355 -18.72 -2.41 -14.01
C GLU A 355 -17.57 -3.31 -13.57
N ALA A 356 -17.88 -4.36 -12.80
CA ALA A 356 -16.86 -5.30 -12.36
C ALA A 356 -16.98 -6.65 -13.07
N ILE A 357 -18.19 -7.00 -13.51
CA ILE A 357 -18.38 -8.19 -14.33
C ILE A 357 -17.97 -7.85 -15.76
N ASN A 358 -18.70 -6.91 -16.35
CA ASN A 358 -18.47 -6.49 -17.74
C ASN A 358 -17.06 -5.95 -17.97
N PHE A 359 -16.47 -5.35 -16.94
CA PHE A 359 -15.12 -4.81 -17.03
C PHE A 359 -14.24 -5.42 -15.93
N GLY A 360 -13.09 -4.83 -15.65
CA GLY A 360 -12.24 -5.33 -14.59
C GLY A 360 -12.34 -4.45 -13.35
N SER A 361 -13.07 -3.34 -13.51
CA SER A 361 -13.16 -2.31 -12.49
C SER A 361 -13.79 -2.72 -11.17
N PHE A 362 -12.95 -3.01 -10.19
CA PHE A 362 -13.38 -3.17 -8.81
C PHE A 362 -12.95 -1.94 -8.00
N THR A 363 -13.91 -1.28 -7.38
CA THR A 363 -13.65 -0.18 -6.46
C THR A 363 -14.49 -0.36 -5.21
N ILE A 364 -14.36 0.56 -4.26
CA ILE A 364 -15.17 0.52 -3.06
C ILE A 364 -16.66 0.63 -3.41
N LYS A 365 -16.94 1.32 -4.52
CA LYS A 365 -18.31 1.46 -5.00
C LYS A 365 -18.89 0.13 -5.50
N SER A 366 -18.02 -0.78 -5.93
CA SER A 366 -18.47 -2.11 -6.33
C SER A 366 -18.82 -2.92 -5.08
N ASP A 367 -18.08 -2.69 -4.01
CA ASP A 367 -18.42 -3.26 -2.71
C ASP A 367 -19.77 -2.73 -2.22
N VAL A 368 -20.05 -1.45 -2.47
CA VAL A 368 -21.33 -0.86 -2.07
C VAL A 368 -22.50 -1.60 -2.72
N TRP A 369 -22.40 -1.88 -4.02
CA TRP A 369 -23.39 -2.69 -4.71
C TRP A 369 -23.53 -4.03 -3.99
N SER A 370 -22.38 -4.66 -3.74
CA SER A 370 -22.37 -5.96 -3.08
C SER A 370 -23.01 -5.89 -1.71
N PHE A 371 -22.80 -4.77 -1.02
CA PHE A 371 -23.40 -4.59 0.29
C PHE A 371 -24.92 -4.54 0.20
N GLY A 372 -25.42 -3.86 -0.83
CA GLY A 372 -26.85 -3.81 -1.07
C GLY A 372 -27.45 -5.19 -1.24
N ILE A 373 -26.79 -6.03 -2.04
CA ILE A 373 -27.19 -7.42 -2.20
C ILE A 373 -27.13 -8.16 -0.86
N LEU A 374 -26.05 -7.92 -0.11
CA LEU A 374 -25.90 -8.51 1.22
C LEU A 374 -27.05 -8.11 2.13
N LEU A 375 -27.39 -6.82 2.07
CA LEU A 375 -28.51 -6.27 2.83
C LEU A 375 -29.79 -7.07 2.54
N MET A 376 -30.00 -7.41 1.27
CA MET A 376 -31.15 -8.24 0.89
C MET A 376 -31.05 -9.64 1.48
N GLU A 377 -29.86 -10.26 1.40
CA GLU A 377 -29.63 -11.58 1.98
C GLU A 377 -30.08 -11.61 3.43
N ILE A 378 -29.67 -10.58 4.15
CA ILE A 378 -29.91 -10.49 5.59
C ILE A 378 -31.40 -10.43 5.91
N VAL A 379 -32.11 -9.58 5.20
CA VAL A 379 -33.54 -9.39 5.38
C VAL A 379 -34.34 -10.61 4.93
N THR A 380 -33.77 -11.37 3.99
CA THR A 380 -34.43 -12.58 3.49
C THR A 380 -33.93 -13.84 4.20
N TYR A 381 -33.28 -13.65 5.35
CA TYR A 381 -32.75 -14.76 6.16
C TYR A 381 -31.93 -15.77 5.38
N GLY A 382 -31.06 -15.29 4.50
CA GLY A 382 -30.13 -16.15 3.80
C GLY A 382 -30.53 -16.53 2.39
N ARG A 383 -31.78 -16.25 2.02
CA ARG A 383 -32.29 -16.58 0.69
C ARG A 383 -31.33 -16.11 -0.41
N ILE A 384 -31.12 -16.95 -1.40
CA ILE A 384 -30.24 -16.65 -2.52
C ILE A 384 -30.77 -15.48 -3.35
N PRO A 385 -29.90 -14.53 -3.70
CA PRO A 385 -30.24 -13.37 -4.53
C PRO A 385 -30.87 -13.77 -5.86
N TYR A 386 -31.88 -13.04 -6.29
CA TYR A 386 -32.64 -13.37 -7.50
C TYR A 386 -33.07 -14.85 -7.52
N PRO A 387 -34.01 -15.22 -6.64
CA PRO A 387 -34.43 -16.62 -6.55
C PRO A 387 -35.21 -17.09 -7.77
N GLY A 388 -34.79 -18.18 -8.38
CA GLY A 388 -35.41 -18.70 -9.59
C GLY A 388 -34.63 -18.29 -10.83
N MET A 389 -34.01 -17.12 -10.76
CA MET A 389 -33.18 -16.61 -11.84
C MET A 389 -31.81 -17.28 -11.83
N SER A 390 -31.00 -17.02 -12.86
CA SER A 390 -29.65 -17.55 -12.93
C SER A 390 -28.71 -16.52 -13.54
N ASN A 391 -27.41 -16.77 -13.41
CA ASN A 391 -26.37 -15.83 -13.84
C ASN A 391 -26.58 -15.09 -15.18
N PRO A 392 -26.83 -15.84 -16.28
CA PRO A 392 -27.05 -15.11 -17.54
C PRO A 392 -28.38 -14.36 -17.56
N GLU A 393 -29.43 -14.96 -16.99
CA GLU A 393 -30.72 -14.28 -16.84
C GLU A 393 -30.55 -12.96 -16.08
N VAL A 394 -29.67 -12.98 -15.08
CA VAL A 394 -29.41 -11.81 -14.24
C VAL A 394 -28.64 -10.69 -14.96
N ILE A 395 -27.51 -11.02 -15.57
CA ILE A 395 -26.66 -10.02 -16.24
C ILE A 395 -27.43 -9.25 -17.31
N ARG A 396 -28.25 -9.98 -18.08
CA ARG A 396 -29.12 -9.37 -19.07
C ARG A 396 -30.21 -8.51 -18.40
N ALA A 397 -30.74 -9.00 -17.28
CA ALA A 397 -31.77 -8.28 -16.55
C ALA A 397 -31.24 -7.02 -15.88
N LEU A 398 -29.94 -7.02 -15.58
CA LEU A 398 -29.29 -5.82 -15.04
C LEU A 398 -29.22 -4.73 -16.09
N GLU A 399 -28.93 -5.12 -17.34
CA GLU A 399 -28.85 -4.14 -18.43
C GLU A 399 -30.21 -3.57 -18.78
N ARG A 400 -31.26 -4.35 -18.54
CA ARG A 400 -32.61 -3.81 -18.57
C ARG A 400 -32.68 -2.67 -17.57
N GLY A 401 -32.43 -3.01 -16.31
CA GLY A 401 -32.57 -2.08 -15.21
C GLY A 401 -33.49 -2.70 -14.19
N TYR A 402 -33.52 -4.03 -14.17
CA TYR A 402 -34.27 -4.78 -13.16
C TYR A 402 -33.53 -4.74 -11.84
N ARG A 403 -34.29 -4.68 -10.75
CA ARG A 403 -33.74 -4.80 -9.42
C ARG A 403 -34.67 -5.73 -8.65
N MET A 404 -34.13 -6.42 -7.64
CA MET A 404 -34.95 -7.31 -6.81
C MET A 404 -36.06 -6.51 -6.18
N PRO A 405 -37.29 -7.07 -6.15
CA PRO A 405 -38.42 -6.38 -5.53
C PRO A 405 -38.25 -6.31 -4.01
N ARG A 406 -39.04 -5.47 -3.36
CA ARG A 406 -38.98 -5.34 -1.91
C ARG A 406 -39.71 -6.51 -1.23
N PRO A 407 -38.98 -7.29 -0.42
CA PRO A 407 -39.59 -8.40 0.33
C PRO A 407 -40.64 -7.91 1.34
N GLU A 408 -41.58 -8.78 1.71
CA GLU A 408 -42.75 -8.39 2.50
C GLU A 408 -42.42 -7.76 3.85
N ASN A 409 -41.30 -8.16 4.44
CA ASN A 409 -40.93 -7.69 5.77
C ASN A 409 -39.94 -6.52 5.78
N CYS A 410 -39.48 -6.12 4.59
CA CYS A 410 -38.47 -5.07 4.48
C CYS A 410 -39.09 -3.67 4.43
N PRO A 411 -38.74 -2.80 5.39
CA PRO A 411 -39.27 -1.43 5.38
C PRO A 411 -38.86 -0.67 4.13
N GLU A 412 -39.74 0.20 3.64
CA GLU A 412 -39.47 1.02 2.46
C GLU A 412 -38.13 1.73 2.53
N GLU A 413 -37.79 2.24 3.72
CA GLU A 413 -36.57 3.03 3.87
C GLU A 413 -35.32 2.18 3.83
N LEU A 414 -35.41 0.94 4.30
CA LEU A 414 -34.29 0.03 4.18
C LEU A 414 -34.15 -0.35 2.71
N TYR A 415 -35.27 -0.58 2.05
CA TYR A 415 -35.25 -0.93 0.63
C TYR A 415 -34.59 0.15 -0.21
N ASN A 416 -34.89 1.42 0.04
CA ASN A 416 -34.25 2.44 -0.78
C ASN A 416 -32.78 2.71 -0.43
N ILE A 417 -32.33 2.22 0.73
CA ILE A 417 -30.89 2.11 0.97
C ILE A 417 -30.31 1.15 -0.09
N MET A 418 -30.92 -0.03 -0.20
CA MET A 418 -30.47 -1.04 -1.16
C MET A 418 -30.46 -0.48 -2.58
N MET A 419 -31.54 0.22 -2.94
CA MET A 419 -31.68 0.83 -4.27
C MET A 419 -30.57 1.83 -4.57
N ARG A 420 -30.18 2.61 -3.56
CA ARG A 420 -29.08 3.56 -3.69
C ARG A 420 -27.75 2.85 -3.89
N CYS A 421 -27.64 1.64 -3.32
CA CYS A 421 -26.46 0.82 -3.53
C CYS A 421 -26.44 0.24 -4.94
N TRP A 422 -27.61 0.22 -5.58
CA TRP A 422 -27.76 -0.40 -6.88
C TRP A 422 -27.92 0.60 -8.02
N LYS A 423 -27.31 1.77 -7.86
CA LYS A 423 -27.25 2.74 -8.95
C LYS A 423 -26.30 2.24 -10.03
N ASN A 424 -26.64 2.49 -11.29
CA ASN A 424 -25.75 2.10 -12.39
C ASN A 424 -24.44 2.89 -12.37
N ARG A 425 -24.55 4.19 -12.11
CA ARG A 425 -23.38 5.02 -11.92
C ARG A 425 -22.78 4.75 -10.56
N PRO A 426 -21.56 4.19 -10.53
CA PRO A 426 -20.88 3.85 -9.28
C PRO A 426 -20.72 5.06 -8.35
N GLU A 427 -20.44 6.22 -8.94
CA GLU A 427 -20.19 7.44 -8.18
C GLU A 427 -21.45 7.99 -7.51
N GLU A 428 -22.60 7.42 -7.82
CA GLU A 428 -23.87 7.84 -7.22
C GLU A 428 -24.31 6.92 -6.08
N ARG A 429 -23.52 5.88 -5.84
CA ARG A 429 -23.74 5.02 -4.68
C ARG A 429 -23.16 5.70 -3.46
N PRO A 430 -23.87 5.64 -2.32
CA PRO A 430 -23.38 6.32 -1.11
C PRO A 430 -22.12 5.65 -0.55
N THR A 431 -21.48 6.30 0.40
CA THR A 431 -20.32 5.76 1.09
C THR A 431 -20.75 4.79 2.18
N PHE A 432 -19.83 3.93 2.61
CA PHE A 432 -20.11 3.06 3.75
C PHE A 432 -20.18 3.91 5.02
N GLU A 433 -19.45 5.02 5.02
CA GLU A 433 -19.48 5.96 6.15
C GLU A 433 -20.91 6.45 6.36
N TYR A 434 -21.57 6.82 5.27
CA TYR A 434 -22.96 7.28 5.34
C TYR A 434 -23.96 6.16 5.61
N ILE A 435 -23.76 5.03 4.95
CA ILE A 435 -24.61 3.85 5.16
C ILE A 435 -24.58 3.43 6.63
N GLN A 436 -23.39 3.36 7.21
CA GLN A 436 -23.24 2.95 8.60
C GLN A 436 -24.02 3.89 9.50
N SER A 437 -23.89 5.19 9.25
CA SER A 437 -24.57 6.18 10.08
C SER A 437 -26.09 6.11 9.96
N VAL A 438 -26.60 5.76 8.76
CA VAL A 438 -28.04 5.63 8.58
C VAL A 438 -28.57 4.36 9.24
N LEU A 439 -27.82 3.27 9.12
CA LEU A 439 -28.26 2.00 9.70
C LEU A 439 -28.21 2.05 11.23
N ASP A 440 -27.13 2.61 11.77
CA ASP A 440 -26.96 2.79 13.22
C ASP A 440 -28.13 3.51 13.91
N ASP A 441 -28.58 4.61 13.31
CA ASP A 441 -29.63 5.41 13.92
C ASP A 441 -30.94 5.28 13.15
N PHE A 442 -31.13 4.14 12.50
CA PHE A 442 -32.29 3.88 11.66
C PHE A 442 -33.61 4.17 12.40
N TYR A 443 -33.66 3.89 13.69
CA TYR A 443 -34.89 4.03 14.47
C TYR A 443 -34.93 5.27 15.35
N THR A 444 -33.92 6.13 15.21
CA THR A 444 -33.76 7.27 16.10
C THR A 444 -33.68 8.59 15.32
N ALA A 445 -34.63 9.49 15.56
CA ALA A 445 -34.56 10.83 15.01
C ALA A 445 -33.28 11.48 15.52
N THR A 446 -32.61 12.23 14.65
CA THR A 446 -31.37 12.90 15.03
C THR A 446 -31.60 13.72 16.29
N GLU A 447 -32.69 14.48 16.32
CA GLU A 447 -33.02 15.28 17.49
C GLU A 447 -33.24 14.44 18.75
N SER A 448 -33.43 13.13 18.64
CA SER A 448 -33.65 12.35 19.86
C SER A 448 -32.45 11.53 20.29
N GLN A 449 -31.26 11.81 19.73
CA GLN A 449 -30.06 11.06 20.09
C GLN A 449 -29.76 11.19 21.58
N GLU A 451 -30.94 13.07 25.43
CA GLU A 451 -32.15 13.58 26.05
C GLU A 451 -31.96 15.05 26.39
N GLU A 452 -33.06 15.77 26.60
CA GLU A 452 -33.01 17.09 27.20
C GLU A 452 -33.57 17.00 28.61
N ILE A 453 -33.04 17.83 29.50
CA ILE A 453 -33.65 18.01 30.82
C ILE A 453 -33.35 19.39 31.39
N PRO A 454 -34.42 20.15 31.74
CA PRO A 454 -34.46 21.47 32.36
C PRO A 454 -33.24 21.84 33.21
N ARG B 8 41.68 16.10 8.34
CA ARG B 8 41.02 14.92 8.91
C ARG B 8 39.53 14.91 8.57
N ILE B 9 39.18 14.21 7.49
CA ILE B 9 37.82 14.16 6.99
C ILE B 9 37.05 12.96 7.57
N ILE B 10 35.95 13.25 8.27
CA ILE B 10 35.12 12.20 8.85
C ILE B 10 33.79 12.07 8.10
N VAL B 11 33.48 10.86 7.62
CA VAL B 11 32.21 10.60 6.97
C VAL B 11 31.39 9.62 7.79
N VAL B 12 30.12 9.46 7.43
CA VAL B 12 29.20 8.59 8.14
C VAL B 12 28.43 7.73 7.13
N ALA B 13 28.13 6.49 7.49
CA ALA B 13 27.46 5.58 6.57
C ALA B 13 25.97 5.86 6.47
N LEU B 14 25.51 6.09 5.24
CA LEU B 14 24.10 6.34 4.97
C LEU B 14 23.29 5.04 4.95
N TYR B 15 23.95 3.93 4.65
CA TYR B 15 23.30 2.62 4.59
C TYR B 15 24.23 1.51 5.10
N ASP B 16 23.65 0.37 5.46
CA ASP B 16 24.44 -0.81 5.78
C ASP B 16 25.17 -1.33 4.54
N TYR B 17 26.35 -1.89 4.73
CA TYR B 17 27.10 -2.47 3.63
C TYR B 17 27.86 -3.71 4.08
N GLU B 18 27.71 -4.79 3.31
CA GLU B 18 28.38 -6.05 3.59
C GLU B 18 29.50 -6.25 2.57
N ALA B 19 30.74 -6.35 3.06
CA ALA B 19 31.91 -6.52 2.19
C ALA B 19 31.80 -7.80 1.37
N ILE B 20 32.35 -7.78 0.16
CA ILE B 20 32.28 -8.95 -0.73
C ILE B 20 33.58 -9.17 -1.49
N HIS B 21 34.48 -8.20 -1.42
CA HIS B 21 35.77 -8.30 -2.08
C HIS B 21 36.87 -8.60 -1.06
N HIS B 22 38.13 -8.46 -1.46
CA HIS B 22 39.26 -8.81 -0.59
C HIS B 22 39.56 -7.76 0.47
N GLU B 23 39.49 -6.49 0.08
CA GLU B 23 39.94 -5.38 0.92
C GLU B 23 38.87 -4.32 1.18
N ASP B 24 37.60 -4.66 0.97
CA ASP B 24 36.54 -3.72 1.31
C ASP B 24 36.05 -3.95 2.74
N LEU B 25 35.57 -2.90 3.38
CA LEU B 25 35.14 -2.97 4.78
C LEU B 25 33.63 -3.17 4.87
N SER B 26 33.21 -4.00 5.82
CA SER B 26 31.81 -4.01 6.21
C SER B 26 31.58 -2.85 7.18
N PHE B 27 30.39 -2.25 7.10
CA PHE B 27 30.00 -1.23 8.07
C PHE B 27 28.49 -1.17 8.17
N GLN B 28 27.99 -0.51 9.20
CA GLN B 28 26.55 -0.33 9.32
C GLN B 28 26.14 1.14 9.29
N LYS B 29 24.90 1.37 8.92
CA LYS B 29 24.29 2.70 8.89
C LYS B 29 24.55 3.45 10.19
N GLY B 30 25.23 4.58 10.10
CA GLY B 30 25.55 5.38 11.26
C GLY B 30 27.01 5.32 11.69
N ASP B 31 27.75 4.33 11.19
CA ASP B 31 29.17 4.20 11.51
C ASP B 31 29.99 5.31 10.89
N GLN B 32 30.96 5.82 11.65
CA GLN B 32 31.82 6.89 11.17
C GLN B 32 33.16 6.35 10.70
N MET B 33 33.75 7.04 9.72
CA MET B 33 34.99 6.56 9.11
C MET B 33 35.92 7.73 8.80
N VAL B 34 37.20 7.57 9.07
CA VAL B 34 38.19 8.54 8.63
C VAL B 34 38.54 8.23 7.18
N VAL B 35 38.50 9.25 6.32
CA VAL B 35 38.82 9.09 4.90
C VAL B 35 40.32 9.19 4.65
N LEU B 36 40.89 8.16 4.03
CA LEU B 36 42.33 8.14 3.76
C LEU B 36 42.63 8.49 2.31
N GLU B 37 41.74 8.05 1.42
CA GLU B 37 41.92 8.26 -0.02
C GLU B 37 40.59 8.53 -0.71
N GLU B 38 40.59 9.49 -1.63
CA GLU B 38 39.46 9.70 -2.51
C GLU B 38 39.87 9.34 -3.92
N SER B 39 39.45 8.15 -4.37
CA SER B 39 39.84 7.65 -5.69
C SER B 39 38.66 7.07 -6.48
N GLY B 40 37.59 7.87 -6.60
CA GLY B 40 36.46 7.51 -7.42
C GLY B 40 35.28 6.93 -6.66
N GLU B 41 34.75 5.82 -7.19
CA GLU B 41 33.59 5.15 -6.60
C GLU B 41 33.96 4.44 -5.30
N TRP B 42 35.25 4.13 -5.16
CA TRP B 42 35.75 3.48 -3.96
C TRP B 42 36.71 4.40 -3.22
N TRP B 43 36.52 4.53 -1.91
CA TRP B 43 37.43 5.31 -1.09
C TRP B 43 38.10 4.42 -0.07
N LYS B 44 39.38 4.67 0.19
CA LYS B 44 40.07 4.00 1.28
C LYS B 44 39.75 4.75 2.57
N ALA B 45 39.31 4.01 3.59
CA ALA B 45 38.90 4.63 4.85
C ALA B 45 39.32 3.79 6.06
N ARG B 46 39.22 4.37 7.25
CA ARG B 46 39.37 3.61 8.49
C ARG B 46 38.09 3.68 9.29
N SER B 47 37.50 2.53 9.58
CA SER B 47 36.28 2.49 10.37
C SER B 47 36.55 2.81 11.83
N LEU B 48 35.89 3.86 12.35
CA LEU B 48 36.08 4.29 13.74
C LEU B 48 35.61 3.25 14.74
N ALA B 49 34.71 2.38 14.31
CA ALA B 49 34.16 1.37 15.19
C ALA B 49 35.00 0.10 15.25
N THR B 50 35.71 -0.20 14.17
CA THR B 50 36.47 -1.46 14.06
C THR B 50 37.97 -1.25 13.95
N ARG B 51 38.38 -0.03 13.61
CA ARG B 51 39.78 0.36 13.43
C ARG B 51 40.40 -0.22 12.15
N LYS B 52 39.57 -0.89 11.34
CA LYS B 52 40.04 -1.52 10.11
C LYS B 52 40.17 -0.55 8.96
N GLU B 53 41.27 -0.65 8.21
CA GLU B 53 41.47 0.17 7.03
C GLU B 53 41.13 -0.66 5.78
N GLY B 54 40.54 -0.01 4.78
CA GLY B 54 40.05 -0.71 3.60
C GLY B 54 39.13 0.15 2.76
N TYR B 55 38.53 -0.46 1.73
CA TYR B 55 37.78 0.30 0.74
C TYR B 55 36.28 0.32 1.02
N ILE B 56 35.68 1.48 0.79
CA ILE B 56 34.24 1.64 0.95
C ILE B 56 33.68 2.38 -0.28
N PRO B 57 32.45 2.03 -0.67
CA PRO B 57 31.82 2.72 -1.81
C PRO B 57 31.45 4.14 -1.43
N SER B 58 31.94 5.14 -2.17
CA SER B 58 31.74 6.54 -1.81
C SER B 58 30.28 6.97 -1.74
N ASN B 59 29.42 6.33 -2.54
CA ASN B 59 28.01 6.70 -2.56
C ASN B 59 27.23 6.15 -1.36
N TYR B 60 27.92 5.42 -0.48
CA TYR B 60 27.28 4.87 0.72
C TYR B 60 27.51 5.75 1.93
N VAL B 61 28.31 6.81 1.76
CA VAL B 61 28.65 7.71 2.86
C VAL B 61 28.67 9.18 2.45
N ALA B 62 28.61 10.08 3.42
CA ALA B 62 28.76 11.51 3.17
C ALA B 62 29.30 12.18 4.42
N ARG B 63 29.81 13.41 4.28
CA ARG B 63 30.33 14.16 5.40
C ARG B 63 29.35 14.17 6.58
N VAL B 64 29.88 14.07 7.80
CA VAL B 64 29.08 14.13 9.02
C VAL B 64 28.38 15.48 9.09
N ASP B 65 27.14 15.49 9.60
CA ASP B 65 26.33 16.70 9.74
C ASP B 65 25.95 17.39 8.43
N SER B 66 26.41 16.88 7.29
CA SER B 66 26.03 17.42 6.00
C SER B 66 24.57 17.06 5.72
N LEU B 67 23.94 17.77 4.78
CA LEU B 67 22.51 17.59 4.50
C LEU B 67 22.16 16.17 4.06
N GLU B 68 23.08 15.52 3.36
CA GLU B 68 22.85 14.17 2.83
C GLU B 68 22.64 13.14 3.92
N THR B 69 23.01 13.47 5.16
CA THR B 69 22.83 12.56 6.29
C THR B 69 21.38 12.55 6.77
N GLU B 70 20.62 13.57 6.39
CA GLU B 70 19.23 13.68 6.82
C GLU B 70 18.33 12.75 6.02
N GLU B 71 17.43 12.07 6.72
CA GLU B 71 16.51 11.12 6.09
C GLU B 71 15.54 11.76 5.10
N TRP B 72 15.34 13.08 5.25
CA TRP B 72 14.43 13.82 4.37
C TRP B 72 15.12 14.55 3.21
N PHE B 73 16.46 14.55 3.18
CA PHE B 73 17.16 15.20 2.07
C PHE B 73 17.53 14.24 0.94
N PHE B 74 17.32 14.70 -0.29
CA PHE B 74 17.61 13.91 -1.47
C PHE B 74 18.46 14.72 -2.45
N LYS B 75 19.75 14.43 -2.47
CA LYS B 75 20.72 15.16 -3.29
C LYS B 75 20.49 14.94 -4.79
N GLY B 76 20.59 16.03 -5.56
CA GLY B 76 20.58 15.97 -7.01
C GLY B 76 19.37 15.36 -7.70
N ILE B 77 18.22 15.33 -7.01
CA ILE B 77 17.02 14.75 -7.60
C ILE B 77 16.16 15.81 -8.32
N SER B 78 15.79 15.50 -9.57
CA SER B 78 14.97 16.41 -10.38
C SER B 78 13.53 16.46 -9.88
N ARG B 79 12.79 17.46 -10.33
CA ARG B 79 11.39 17.58 -9.95
C ARG B 79 10.64 16.33 -10.37
N LYS B 80 10.88 15.93 -11.61
CA LYS B 80 10.25 14.75 -12.18
C LYS B 80 10.65 13.48 -11.45
N ASP B 81 11.95 13.34 -11.13
CA ASP B 81 12.40 12.15 -10.41
C ASP B 81 11.84 12.14 -8.99
N ALA B 82 11.55 13.32 -8.46
CA ALA B 82 10.98 13.43 -7.11
C ALA B 82 9.56 12.88 -7.09
N GLU B 83 8.81 13.17 -8.15
CA GLU B 83 7.47 12.59 -8.33
C GLU B 83 7.56 11.08 -8.35
N ARG B 84 8.39 10.56 -9.26
CA ARG B 84 8.56 9.11 -9.43
C ARG B 84 8.85 8.41 -8.10
N GLN B 85 9.79 8.95 -7.33
CA GLN B 85 10.17 8.35 -6.06
C GLN B 85 9.02 8.36 -5.06
N LEU B 86 8.28 9.46 -5.04
CA LEU B 86 7.19 9.65 -4.08
C LEU B 86 5.91 8.91 -4.43
N LEU B 87 5.66 8.70 -5.71
CA LEU B 87 4.48 7.94 -6.15
C LEU B 87 4.77 6.44 -6.21
N ALA B 88 6.04 6.09 -6.01
CA ALA B 88 6.47 4.69 -5.94
C ALA B 88 5.80 4.00 -4.74
N PRO B 89 5.74 2.65 -4.76
CA PRO B 89 5.11 1.92 -3.65
C PRO B 89 5.73 2.22 -2.30
N GLY B 90 4.94 2.10 -1.22
CA GLY B 90 5.46 2.23 0.13
C GLY B 90 5.41 3.64 0.72
N ASN B 91 4.80 4.58 0.00
CA ASN B 91 4.64 5.94 0.51
C ASN B 91 3.16 6.29 0.64
N MET B 92 2.83 7.25 1.52
CA MET B 92 1.45 7.71 1.67
C MET B 92 1.33 9.24 1.73
N LEU B 93 0.11 9.72 2.00
CA LEU B 93 -0.13 11.15 2.18
C LEU B 93 0.91 11.79 3.07
N GLY B 94 1.39 12.97 2.67
CA GLY B 94 2.37 13.71 3.44
C GLY B 94 3.80 13.26 3.24
N SER B 95 3.99 12.14 2.54
CA SER B 95 5.34 11.73 2.18
C SER B 95 6.03 12.89 1.47
N PHE B 96 7.25 13.19 1.88
CA PHE B 96 7.92 14.38 1.39
C PHE B 96 9.43 14.20 1.20
N MET B 97 10.04 15.19 0.57
CA MET B 97 11.51 15.26 0.50
C MET B 97 11.95 16.71 0.32
N ILE B 98 13.09 17.04 0.91
CA ILE B 98 13.74 18.29 0.57
C ILE B 98 14.86 17.91 -0.39
N ARG B 99 15.00 18.68 -1.47
CA ARG B 99 15.93 18.32 -2.53
C ARG B 99 16.59 19.55 -3.13
N ASP B 100 17.66 19.35 -3.89
CA ASP B 100 18.29 20.45 -4.62
C ASP B 100 17.33 20.96 -5.69
N SER B 101 17.13 22.27 -5.75
CA SER B 101 16.31 22.87 -6.79
C SER B 101 16.97 22.74 -8.15
N GLU B 102 16.20 22.21 -9.10
CA GLU B 102 16.69 21.96 -10.45
C GLU B 102 16.73 23.24 -11.29
N THR B 103 15.85 24.19 -10.98
CA THR B 103 15.74 25.43 -11.77
C THR B 103 16.31 26.66 -11.06
N THR B 104 16.50 26.57 -9.75
CA THR B 104 17.17 27.62 -8.99
C THR B 104 18.44 27.02 -8.36
N LYS B 105 19.54 27.08 -9.09
CA LYS B 105 20.78 26.42 -8.66
C LYS B 105 21.37 27.01 -7.37
N GLY B 106 21.68 26.14 -6.41
CA GLY B 106 22.16 26.58 -5.12
C GLY B 106 21.07 26.58 -4.08
N SER B 107 19.82 26.42 -4.53
CA SER B 107 18.67 26.47 -3.64
C SER B 107 18.00 25.12 -3.50
N TYR B 108 16.97 25.07 -2.65
CA TYR B 108 16.28 23.82 -2.35
C TYR B 108 14.78 23.91 -2.66
N SER B 109 14.18 22.75 -2.88
CA SER B 109 12.74 22.66 -3.07
C SER B 109 12.16 21.54 -2.23
N LEU B 110 10.88 21.65 -1.92
CA LEU B 110 10.16 20.65 -1.13
C LEU B 110 9.11 19.97 -2.00
N SER B 111 9.08 18.64 -1.98
CA SER B 111 8.07 17.91 -2.74
C SER B 111 7.25 17.08 -1.79
N VAL B 112 5.92 17.12 -1.94
CA VAL B 112 4.99 16.51 -0.99
C VAL B 112 3.94 15.66 -1.69
N ARG B 113 3.68 14.47 -1.17
CA ARG B 113 2.67 13.59 -1.75
C ARG B 113 1.27 14.06 -1.35
N ASP B 114 0.41 14.28 -2.34
CA ASP B 114 -0.93 14.81 -2.10
C ASP B 114 -1.99 13.93 -2.76
N TYR B 115 -3.24 14.11 -2.35
CA TYR B 115 -4.36 13.50 -3.06
C TYR B 115 -5.48 14.50 -3.30
N ASP B 116 -6.02 14.47 -4.52
CA ASP B 116 -7.13 15.30 -4.92
C ASP B 116 -8.13 14.33 -5.55
N PRO B 117 -9.43 14.47 -5.22
CA PRO B 117 -10.40 13.51 -5.76
C PRO B 117 -10.47 13.53 -7.29
N ARG B 118 -10.27 14.70 -7.88
CA ARG B 118 -10.38 14.84 -9.33
C ARG B 118 -9.24 14.17 -10.10
N GLN B 119 -8.03 14.23 -9.54
CA GLN B 119 -6.83 13.84 -10.29
C GLN B 119 -6.12 12.59 -9.77
N GLY B 120 -6.40 12.20 -8.52
CA GLY B 120 -5.73 11.06 -7.92
C GLY B 120 -4.56 11.51 -7.07
N ASP B 121 -3.59 10.61 -6.84
CA ASP B 121 -2.40 10.98 -6.10
C ASP B 121 -1.49 11.82 -6.98
N THR B 122 -0.95 12.89 -6.40
CA THR B 122 -0.04 13.77 -7.10
C THR B 122 1.17 14.03 -6.23
N VAL B 123 2.13 14.76 -6.77
CA VAL B 123 3.20 15.35 -5.97
C VAL B 123 3.20 16.83 -6.26
N LYS B 124 3.25 17.65 -5.21
CA LYS B 124 3.30 19.08 -5.40
C LYS B 124 4.64 19.64 -4.92
N HIS B 125 5.09 20.71 -5.56
CA HIS B 125 6.44 21.21 -5.32
C HIS B 125 6.42 22.67 -4.85
N TYR B 126 7.13 22.92 -3.75
CA TYR B 126 7.23 24.27 -3.23
C TYR B 126 8.70 24.69 -3.26
N LYS B 127 8.97 25.86 -3.82
CA LYS B 127 10.31 26.41 -3.79
C LYS B 127 10.62 26.83 -2.37
N ILE B 128 11.82 26.51 -1.89
CA ILE B 128 12.29 27.05 -0.62
C ILE B 128 13.24 28.22 -0.94
N ARG B 129 13.11 29.32 -0.21
CA ARG B 129 13.89 30.52 -0.49
C ARG B 129 15.03 30.65 0.50
N THR B 130 16.18 31.14 0.02
CA THR B 130 17.36 31.26 0.87
C THR B 130 17.64 32.71 1.26
N GLY B 135 18.81 31.67 6.35
CA GLY B 135 17.43 31.41 6.69
C GLY B 135 16.59 30.93 5.52
N PHE B 136 15.56 30.14 5.81
CA PHE B 136 14.71 29.58 4.77
C PHE B 136 13.21 29.80 5.03
N TYR B 137 12.43 29.78 3.96
CA TYR B 137 10.99 29.87 4.06
C TYR B 137 10.34 29.43 2.76
N ILE B 138 9.12 28.91 2.87
CA ILE B 138 8.28 28.68 1.72
C ILE B 138 7.31 29.85 1.64
N SER B 139 6.73 30.19 2.79
CA SER B 139 5.90 31.37 2.94
C SER B 139 6.66 32.42 3.75
N PRO B 140 6.72 33.66 3.25
CA PRO B 140 7.41 34.77 3.93
C PRO B 140 6.93 35.01 5.37
N ARG B 141 5.67 34.64 5.65
CA ARG B 141 5.12 34.80 6.99
C ARG B 141 5.82 33.88 8.01
N SER B 142 6.21 32.69 7.56
CA SER B 142 6.85 31.73 8.43
C SER B 142 8.27 31.41 7.95
N THR B 143 9.26 31.93 8.67
CA THR B 143 10.66 31.83 8.29
C THR B 143 11.43 30.94 9.28
N PHE B 144 12.44 30.22 8.80
CA PHE B 144 13.15 29.27 9.66
C PHE B 144 14.67 29.36 9.61
N SER B 145 15.31 29.04 10.72
CA SER B 145 16.77 29.07 10.84
C SER B 145 17.43 27.95 10.04
N THR B 146 16.96 26.72 10.25
CA THR B 146 17.47 25.56 9.51
C THR B 146 16.36 24.82 8.78
N LEU B 147 16.75 23.96 7.84
CA LEU B 147 15.78 23.18 7.08
C LEU B 147 15.02 22.20 7.96
N GLN B 148 15.65 21.76 9.04
CA GLN B 148 15.00 20.85 9.98
C GLN B 148 13.87 21.56 10.74
N GLU B 149 14.04 22.86 11.00
CA GLU B 149 12.98 23.67 11.59
C GLU B 149 11.76 23.67 10.68
N LEU B 150 12.00 24.02 9.42
CA LEU B 150 10.97 24.03 8.39
C LEU B 150 10.22 22.70 8.38
N VAL B 151 10.97 21.61 8.29
CA VAL B 151 10.41 20.26 8.29
C VAL B 151 9.55 19.99 9.52
N ASP B 152 10.10 20.28 10.71
CA ASP B 152 9.37 20.05 11.95
C ASP B 152 8.12 20.92 12.06
N HIS B 153 8.15 22.12 11.49
CA HIS B 153 6.96 22.97 11.48
C HIS B 153 5.85 22.32 10.66
N TYR B 154 6.15 22.05 9.39
CA TYR B 154 5.14 21.54 8.47
C TYR B 154 4.74 20.09 8.76
N LYS B 155 5.41 19.47 9.74
CA LYS B 155 5.02 18.15 10.21
C LYS B 155 3.83 18.25 11.15
N LYS B 156 3.67 19.43 11.78
CA LYS B 156 2.47 19.71 12.56
C LYS B 156 1.55 20.70 11.83
N GLY B 157 0.51 20.18 11.21
CA GLY B 157 -0.40 20.99 10.43
C GLY B 157 0.18 21.47 9.10
N ASN B 158 -0.65 21.49 8.06
CA ASN B 158 -0.18 21.88 6.73
C ASN B 158 0.22 23.35 6.59
N ASP B 159 -0.44 24.23 7.35
CA ASP B 159 -0.12 25.67 7.38
C ASP B 159 0.10 26.30 6.00
N GLY B 160 -0.80 26.00 5.07
CA GLY B 160 -0.73 26.58 3.74
C GLY B 160 -0.40 25.57 2.66
N LEU B 161 0.27 24.49 3.05
CA LEU B 161 0.63 23.42 2.13
C LEU B 161 -0.56 22.55 1.78
N CYS B 162 -0.49 21.86 0.64
CA CYS B 162 -1.50 20.91 0.20
C CYS B 162 -1.72 19.81 1.24
N GLN B 163 -0.72 19.59 2.08
CA GLN B 163 -0.74 18.48 3.01
C GLN B 163 0.24 18.70 4.17
N LYS B 164 -0.08 18.11 5.32
CA LYS B 164 0.83 18.10 6.46
C LYS B 164 1.94 17.10 6.15
N LEU B 165 3.18 17.43 6.47
CA LEU B 165 4.29 16.52 6.24
C LEU B 165 4.17 15.29 7.14
N SER B 166 4.16 14.10 6.53
CA SER B 166 4.15 12.86 7.30
C SER B 166 5.56 12.29 7.42
N VAL B 167 5.84 11.28 6.59
CA VAL B 167 7.09 10.52 6.66
C VAL B 167 7.93 10.79 5.40
N PRO B 168 9.26 10.91 5.55
CA PRO B 168 10.13 11.07 4.37
C PRO B 168 9.88 10.01 3.29
N CYS B 169 10.20 10.37 2.05
CA CYS B 169 10.06 9.46 0.90
C CYS B 169 10.85 8.19 1.15
N MET B 170 10.28 7.05 0.76
CA MET B 170 11.00 5.79 0.82
C MET B 170 12.25 5.88 -0.06
N SER B 171 13.39 5.49 0.48
CA SER B 171 14.64 5.55 -0.28
C SER B 171 15.20 4.17 -0.57
N SER B 172 15.94 4.07 -1.66
CA SER B 172 16.54 2.82 -2.08
C SER B 172 18.05 2.83 -1.81
N LYS B 173 18.55 1.79 -1.15
CA LYS B 173 19.99 1.60 -1.02
C LYS B 173 20.57 1.53 -2.43
N PRO B 174 21.52 2.41 -2.73
CA PRO B 174 22.05 2.54 -4.10
C PRO B 174 22.79 1.29 -4.56
N GLN B 175 23.12 1.26 -5.85
CA GLN B 175 23.75 0.07 -6.41
C GLN B 175 25.24 0.07 -6.05
N LYS B 176 25.73 -1.09 -5.61
CA LYS B 176 27.15 -1.30 -5.36
C LYS B 176 27.95 -0.90 -6.58
N PRO B 177 29.01 -0.10 -6.39
CA PRO B 177 29.87 0.18 -7.55
C PRO B 177 30.67 -1.06 -7.95
N TRP B 178 31.06 -1.16 -9.21
CA TRP B 178 31.85 -2.30 -9.68
C TRP B 178 33.19 -2.34 -8.96
N GLU B 179 33.77 -3.54 -8.84
CA GLU B 179 35.09 -3.72 -8.24
C GLU B 179 36.11 -2.76 -8.84
N LYS B 180 36.99 -2.26 -7.99
CA LYS B 180 38.04 -1.33 -8.39
C LYS B 180 38.99 -1.97 -9.41
N ASP B 181 39.39 -1.19 -10.42
CA ASP B 181 40.35 -1.63 -11.43
C ASP B 181 40.00 -2.97 -12.06
N ALA B 182 38.72 -3.18 -12.35
CA ALA B 182 38.25 -4.46 -12.90
C ALA B 182 37.46 -4.26 -14.18
N TRP B 183 37.95 -3.39 -15.06
CA TRP B 183 37.36 -3.20 -16.38
C TRP B 183 37.60 -4.40 -17.31
N GLU B 184 38.87 -4.78 -17.47
CA GLU B 184 39.22 -6.00 -18.20
C GLU B 184 39.32 -7.17 -17.20
N ILE B 185 38.54 -8.21 -17.42
CA ILE B 185 38.49 -9.33 -16.49
C ILE B 185 38.80 -10.65 -17.18
N PRO B 186 39.16 -11.70 -16.40
CA PRO B 186 39.34 -13.02 -16.98
C PRO B 186 38.01 -13.76 -17.02
N ARG B 187 37.81 -14.63 -18.00
CA ARG B 187 36.55 -15.36 -18.16
C ARG B 187 36.22 -16.18 -16.93
N GLU B 188 37.26 -16.63 -16.23
CA GLU B 188 37.13 -17.51 -15.07
C GLU B 188 36.32 -16.88 -13.94
N SER B 189 36.28 -15.55 -13.91
CA SER B 189 35.53 -14.83 -12.89
C SER B 189 34.02 -15.00 -13.08
N LEU B 190 33.63 -15.41 -14.29
CA LEU B 190 32.22 -15.52 -14.65
C LEU B 190 31.72 -16.97 -14.60
N LYS B 191 30.49 -17.12 -14.15
CA LYS B 191 29.72 -18.34 -14.40
C LYS B 191 28.46 -17.88 -15.12
N LEU B 192 28.28 -18.30 -16.37
CA LEU B 192 27.08 -17.92 -17.12
C LEU B 192 26.03 -19.00 -16.90
N GLU B 193 25.01 -18.68 -16.12
CA GLU B 193 24.11 -19.70 -15.58
C GLU B 193 22.81 -19.92 -16.34
N LYS B 194 22.38 -18.93 -17.12
CA LYS B 194 21.11 -19.05 -17.82
C LYS B 194 21.07 -18.20 -19.08
N LYS B 195 20.84 -18.85 -20.22
CA LYS B 195 20.70 -18.13 -21.48
C LYS B 195 19.36 -17.43 -21.48
N LEU B 196 19.38 -16.12 -21.71
CA LEU B 196 18.17 -15.31 -21.63
C LEU B 196 17.68 -14.98 -23.02
N GLY B 197 18.63 -14.94 -23.95
CA GLY B 197 18.33 -14.51 -25.31
C GLY B 197 19.43 -14.96 -26.23
N ALA B 198 19.06 -15.21 -27.49
CA ALA B 198 20.00 -15.69 -28.48
C ALA B 198 19.70 -14.98 -29.79
N GLY B 199 20.74 -14.50 -30.46
CA GLY B 199 20.55 -13.72 -31.66
C GLY B 199 21.60 -13.95 -32.72
N GLN B 200 21.44 -13.23 -33.82
CA GLN B 200 22.32 -13.30 -34.98
C GLN B 200 23.77 -13.03 -34.62
N PHE B 201 23.99 -12.13 -33.66
CA PHE B 201 25.33 -11.65 -33.34
C PHE B 201 25.91 -12.23 -32.05
N GLY B 202 25.09 -12.96 -31.30
CA GLY B 202 25.54 -13.61 -30.10
C GLY B 202 24.43 -13.94 -29.12
N GLU B 203 24.80 -14.15 -27.87
CA GLU B 203 23.82 -14.50 -26.85
C GLU B 203 23.88 -13.51 -25.70
N VAL B 204 22.83 -13.54 -24.86
CA VAL B 204 22.83 -12.81 -23.61
C VAL B 204 22.55 -13.80 -22.49
N TRP B 205 23.38 -13.76 -21.45
CA TRP B 205 23.26 -14.68 -20.34
C TRP B 205 23.11 -13.95 -19.01
N MET B 206 22.34 -14.55 -18.10
CA MET B 206 22.39 -14.15 -16.70
C MET B 206 23.59 -14.86 -16.09
N ALA B 207 24.41 -14.11 -15.37
CA ALA B 207 25.68 -14.64 -14.88
C ALA B 207 26.06 -14.10 -13.51
N THR B 208 27.00 -14.80 -12.87
CA THR B 208 27.54 -14.36 -11.59
C THR B 208 29.02 -14.02 -11.75
N TYR B 209 29.44 -12.88 -11.19
CA TYR B 209 30.85 -12.48 -11.19
C TYR B 209 31.50 -12.73 -9.84
N ASN B 210 32.56 -13.52 -9.84
CA ASN B 210 33.25 -13.98 -8.62
C ASN B 210 32.31 -14.32 -7.47
N LYS B 211 31.30 -15.12 -7.77
CA LYS B 211 30.40 -15.69 -6.76
C LYS B 211 29.58 -14.68 -5.94
N HIS B 212 29.80 -13.39 -6.14
CA HIS B 212 29.14 -12.38 -5.32
C HIS B 212 28.14 -11.46 -6.04
N THR B 213 28.35 -11.22 -7.33
CA THR B 213 27.56 -10.22 -8.06
C THR B 213 26.80 -10.79 -9.26
N LYS B 214 25.49 -10.54 -9.28
CA LYS B 214 24.67 -10.89 -10.44
C LYS B 214 24.81 -9.85 -11.55
N VAL B 215 25.10 -10.32 -12.76
CA VAL B 215 25.25 -9.45 -13.94
C VAL B 215 24.60 -10.10 -15.15
N ALA B 216 24.50 -9.35 -16.25
CA ALA B 216 24.18 -9.92 -17.55
C ALA B 216 25.44 -9.93 -18.39
N VAL B 217 25.57 -10.93 -19.27
CA VAL B 217 26.71 -11.00 -20.17
C VAL B 217 26.24 -11.15 -21.63
N LYS B 218 26.68 -10.23 -22.49
CA LYS B 218 26.48 -10.42 -23.91
C LYS B 218 27.70 -11.13 -24.46
N THR B 219 27.47 -12.25 -25.15
CA THR B 219 28.57 -13.00 -25.74
C THR B 219 28.62 -12.69 -27.23
N MET B 220 29.73 -12.09 -27.66
CA MET B 220 29.87 -11.69 -29.06
C MET B 220 30.48 -12.78 -29.93
N LYS B 221 29.71 -13.23 -30.93
CA LYS B 221 30.23 -14.10 -31.98
C LYS B 221 31.38 -13.40 -32.66
N PRO B 222 32.51 -14.09 -32.83
CA PRO B 222 33.61 -13.47 -33.60
C PRO B 222 33.14 -13.14 -35.01
N GLY B 223 33.23 -11.87 -35.40
CA GLY B 223 32.69 -11.44 -36.68
C GLY B 223 33.66 -10.63 -37.52
N SER B 224 33.11 -9.79 -38.41
CA SER B 224 33.91 -8.97 -39.31
C SER B 224 34.77 -7.95 -38.55
N MET B 225 34.47 -7.73 -37.28
CA MET B 225 35.18 -6.76 -36.47
C MET B 225 36.55 -7.25 -36.04
N SER B 226 37.39 -6.32 -35.59
CA SER B 226 38.65 -6.67 -34.95
C SER B 226 38.46 -6.62 -33.43
N VAL B 227 39.26 -7.42 -32.72
CA VAL B 227 39.20 -7.47 -31.27
C VAL B 227 39.78 -6.19 -30.68
N GLU B 228 40.71 -5.58 -31.39
CA GLU B 228 41.29 -4.30 -31.01
C GLU B 228 40.29 -3.17 -31.28
N ALA B 229 39.41 -3.39 -32.25
CA ALA B 229 38.43 -2.39 -32.67
C ALA B 229 37.20 -2.37 -31.76
N PHE B 230 36.83 -3.53 -31.24
CA PHE B 230 35.70 -3.62 -30.32
C PHE B 230 36.02 -2.84 -29.05
N LEU B 231 37.17 -3.15 -28.45
CA LEU B 231 37.64 -2.49 -27.24
C LEU B 231 37.65 -0.97 -27.37
N ALA B 232 38.05 -0.49 -28.53
CA ALA B 232 38.05 0.94 -28.79
C ALA B 232 36.67 1.56 -28.55
N GLU B 233 35.63 0.92 -29.10
CA GLU B 233 34.26 1.41 -28.97
C GLU B 233 33.72 1.22 -27.55
N ALA B 234 33.90 0.01 -27.02
CA ALA B 234 33.42 -0.31 -25.69
C ALA B 234 34.04 0.58 -24.63
N ASN B 235 35.26 1.05 -24.88
CA ASN B 235 35.94 1.95 -23.95
C ASN B 235 35.45 3.40 -24.03
N VAL B 236 34.91 3.80 -25.18
CA VAL B 236 34.30 5.13 -25.29
C VAL B 236 32.93 5.12 -24.66
N MET B 237 32.14 4.08 -24.98
CA MET B 237 30.82 3.87 -24.40
C MET B 237 30.84 3.89 -22.88
N LYS B 238 31.84 3.23 -22.30
CA LYS B 238 32.04 3.20 -20.85
C LYS B 238 32.18 4.60 -20.25
N THR B 239 32.58 5.58 -21.06
CA THR B 239 32.71 6.94 -20.58
C THR B 239 31.45 7.75 -20.83
N LEU B 240 30.46 7.13 -21.46
CA LEU B 240 29.19 7.79 -21.75
C LEU B 240 28.12 7.27 -20.80
N GLN B 241 28.33 7.49 -19.51
CA GLN B 241 27.44 6.97 -18.48
C GLN B 241 26.26 7.88 -18.21
N HIS B 242 25.11 7.28 -17.94
CA HIS B 242 23.91 8.03 -17.64
C HIS B 242 22.92 7.11 -16.96
N ASP B 243 22.12 7.67 -16.05
CA ASP B 243 21.15 6.89 -15.31
C ASP B 243 20.20 6.10 -16.22
N LYS B 244 19.92 6.65 -17.41
CA LYS B 244 18.99 6.00 -18.33
C LYS B 244 19.68 5.18 -19.44
N LEU B 245 20.97 4.89 -19.25
CA LEU B 245 21.71 3.99 -20.14
C LEU B 245 22.22 2.80 -19.35
N VAL B 246 22.02 1.59 -19.86
CA VAL B 246 22.46 0.37 -19.19
C VAL B 246 23.95 0.48 -18.83
N LYS B 247 24.27 0.17 -17.59
CA LYS B 247 25.64 0.31 -17.08
C LYS B 247 26.56 -0.78 -17.62
N LEU B 248 27.60 -0.38 -18.34
CA LEU B 248 28.67 -1.29 -18.77
C LEU B 248 29.65 -1.48 -17.61
N HIS B 249 29.78 -2.71 -17.13
CA HIS B 249 30.64 -3.01 -15.98
C HIS B 249 32.05 -3.45 -16.38
N ALA B 250 32.12 -4.47 -17.23
CA ALA B 250 33.41 -5.07 -17.56
C ALA B 250 33.44 -5.69 -18.96
N VAL B 251 34.57 -6.29 -19.28
CA VAL B 251 34.85 -6.73 -20.64
C VAL B 251 35.88 -7.89 -20.60
N VAL B 252 35.61 -8.95 -21.35
CA VAL B 252 36.60 -10.01 -21.54
C VAL B 252 37.25 -9.79 -22.90
N THR B 253 38.55 -9.49 -22.88
CA THR B 253 39.25 -9.00 -24.06
C THR B 253 39.63 -10.07 -25.09
N LYS B 254 39.41 -11.34 -24.78
CA LYS B 254 39.78 -12.41 -25.70
C LYS B 254 38.57 -13.09 -26.35
N GLU B 255 38.64 -13.29 -27.66
CA GLU B 255 37.58 -13.93 -28.43
C GLU B 255 37.21 -15.30 -27.86
N PRO B 256 35.89 -15.56 -27.70
CA PRO B 256 34.80 -14.62 -28.01
C PRO B 256 34.63 -13.53 -26.93
N ILE B 257 34.51 -12.28 -27.39
CA ILE B 257 34.33 -11.14 -26.50
C ILE B 257 33.09 -11.27 -25.63
N TYR B 258 33.26 -11.11 -24.31
CA TYR B 258 32.13 -10.97 -23.41
C TYR B 258 31.97 -9.51 -22.98
N ILE B 259 30.74 -9.01 -22.99
CA ILE B 259 30.42 -7.69 -22.44
C ILE B 259 29.63 -7.90 -21.15
N ILE B 260 30.14 -7.41 -20.03
CA ILE B 260 29.48 -7.61 -18.73
C ILE B 260 28.76 -6.32 -18.35
N THR B 261 27.50 -6.47 -17.93
CA THR B 261 26.56 -5.36 -17.87
C THR B 261 25.72 -5.51 -16.59
N GLU B 262 25.15 -4.43 -16.08
CA GLU B 262 24.25 -4.52 -14.92
C GLU B 262 23.05 -5.40 -15.27
N PHE B 263 22.50 -6.12 -14.30
CA PHE B 263 21.37 -7.00 -14.56
C PHE B 263 20.04 -6.27 -14.45
N MET B 264 19.22 -6.39 -15.48
CA MET B 264 17.93 -5.70 -15.49
C MET B 264 16.81 -6.71 -15.26
N ALA B 265 16.30 -6.72 -14.03
CA ALA B 265 15.45 -7.80 -13.53
C ALA B 265 14.20 -8.11 -14.35
N LYS B 266 13.61 -7.11 -15.00
CA LYS B 266 12.39 -7.37 -15.74
C LYS B 266 12.60 -7.51 -17.25
N GLY B 267 13.85 -7.71 -17.67
CA GLY B 267 14.15 -7.96 -19.07
C GLY B 267 13.79 -6.78 -19.96
N SER B 268 13.46 -7.07 -21.21
CA SER B 268 13.22 -6.03 -22.19
C SER B 268 11.84 -5.40 -22.01
N LEU B 269 11.71 -4.16 -22.45
CA LEU B 269 10.43 -3.46 -22.39
C LEU B 269 9.39 -4.22 -23.21
N LEU B 270 9.80 -4.70 -24.38
CA LEU B 270 8.92 -5.46 -25.26
C LEU B 270 8.28 -6.64 -24.52
N ASP B 271 9.11 -7.50 -23.95
CA ASP B 271 8.61 -8.67 -23.25
C ASP B 271 7.76 -8.22 -22.06
N PHE B 272 8.24 -7.22 -21.33
CA PHE B 272 7.54 -6.73 -20.15
C PHE B 272 6.11 -6.26 -20.47
N LEU B 273 5.96 -5.50 -21.54
CA LEU B 273 4.66 -4.95 -21.92
C LEU B 273 3.68 -6.06 -22.31
N LYS B 274 4.21 -7.15 -22.86
CA LYS B 274 3.39 -8.29 -23.25
C LYS B 274 3.12 -9.23 -22.09
N SER B 275 3.79 -8.99 -20.96
CA SER B 275 3.59 -9.82 -19.77
C SER B 275 2.30 -9.43 -19.05
N ASP B 276 1.94 -10.19 -18.03
CA ASP B 276 0.75 -9.90 -17.23
C ASP B 276 0.89 -8.58 -16.50
N GLU B 277 2.05 -8.35 -15.89
CA GLU B 277 2.28 -7.13 -15.14
C GLU B 277 2.29 -5.90 -16.06
N GLY B 278 2.85 -6.07 -17.26
CA GLY B 278 2.91 -4.99 -18.23
C GLY B 278 1.54 -4.55 -18.66
N SER B 279 0.65 -5.51 -18.91
CA SER B 279 -0.70 -5.23 -19.39
C SER B 279 -1.55 -4.49 -18.35
N LYS B 280 -1.05 -4.38 -17.12
CA LYS B 280 -1.78 -3.67 -16.06
C LYS B 280 -1.25 -2.26 -15.83
N GLN B 281 -0.21 -1.88 -16.56
CA GLN B 281 0.31 -0.51 -16.50
C GLN B 281 -0.66 0.46 -17.15
N PRO B 282 -1.14 1.46 -16.39
CA PRO B 282 -2.06 2.40 -17.03
C PRO B 282 -1.28 3.40 -17.88
N LEU B 283 -2.00 4.13 -18.72
CA LEU B 283 -1.41 5.10 -19.64
C LEU B 283 -0.37 6.08 -19.04
N PRO B 284 -0.64 6.66 -17.86
CA PRO B 284 0.36 7.58 -17.31
C PRO B 284 1.71 6.90 -17.03
N LYS B 285 1.69 5.63 -16.66
CA LYS B 285 2.93 4.86 -16.48
C LYS B 285 3.66 4.68 -17.80
N LEU B 286 2.92 4.28 -18.82
CA LEU B 286 3.48 4.08 -20.17
C LEU B 286 4.13 5.36 -20.68
N ILE B 287 3.48 6.50 -20.45
CA ILE B 287 4.04 7.79 -20.82
C ILE B 287 5.31 8.03 -20.01
N ASP B 288 5.29 7.65 -18.74
CA ASP B 288 6.50 7.79 -17.91
C ASP B 288 7.67 6.98 -18.46
N PHE B 289 7.41 5.73 -18.89
CA PHE B 289 8.44 4.92 -19.55
C PHE B 289 9.05 5.65 -20.74
N SER B 290 8.19 6.26 -21.56
CA SER B 290 8.60 7.03 -22.73
C SER B 290 9.46 8.23 -22.36
N ALA B 291 9.06 8.93 -21.30
CA ALA B 291 9.80 10.09 -20.82
C ALA B 291 11.21 9.66 -20.44
N GLN B 292 11.32 8.52 -19.77
CA GLN B 292 12.61 8.01 -19.30
C GLN B 292 13.53 7.69 -20.48
N ILE B 293 12.98 7.02 -21.49
CA ILE B 293 13.72 6.67 -22.69
C ILE B 293 14.16 7.95 -23.44
N ALA B 294 13.25 8.90 -23.58
CA ALA B 294 13.55 10.19 -24.18
C ALA B 294 14.71 10.90 -23.46
N GLU B 295 14.71 10.83 -22.13
CA GLU B 295 15.81 11.40 -21.35
C GLU B 295 17.14 10.77 -21.71
N GLY B 296 17.16 9.45 -21.86
CA GLY B 296 18.36 8.73 -22.28
C GLY B 296 18.85 9.26 -23.62
N MET B 297 17.93 9.32 -24.58
CA MET B 297 18.23 9.83 -25.92
C MET B 297 18.59 11.32 -25.94
N ALA B 298 18.09 12.10 -25.00
CA ALA B 298 18.48 13.51 -24.95
C ALA B 298 19.94 13.63 -24.55
N PHE B 299 20.41 12.71 -23.71
CA PHE B 299 21.82 12.64 -23.34
C PHE B 299 22.67 12.31 -24.56
N ILE B 300 22.29 11.25 -25.26
CA ILE B 300 22.96 10.84 -26.48
C ILE B 300 22.97 11.96 -27.50
N GLU B 301 21.79 12.54 -27.76
CA GLU B 301 21.64 13.70 -28.64
C GLU B 301 22.57 14.85 -28.26
N GLN B 302 22.59 15.17 -26.96
CA GLN B 302 23.44 16.24 -26.43
C GLN B 302 24.92 15.98 -26.70
N ARG B 303 25.32 14.71 -26.65
CA ARG B 303 26.72 14.33 -26.84
C ARG B 303 27.08 14.19 -28.32
N ASN B 304 26.08 14.34 -29.18
CA ASN B 304 26.23 14.21 -30.63
C ASN B 304 26.51 12.78 -31.11
N TYR B 305 26.08 11.80 -30.32
CA TYR B 305 26.13 10.41 -30.77
C TYR B 305 24.79 10.00 -31.37
N ILE B 306 24.76 8.77 -31.88
CA ILE B 306 23.61 8.20 -32.56
C ILE B 306 23.42 6.81 -31.95
N HIS B 307 22.18 6.33 -31.85
CA HIS B 307 21.95 4.96 -31.37
C HIS B 307 21.78 3.96 -32.51
N ARG B 308 21.00 4.37 -33.52
CA ARG B 308 20.78 3.58 -34.75
C ARG B 308 19.79 2.42 -34.63
N ASP B 309 19.53 1.94 -33.41
CA ASP B 309 18.65 0.78 -33.27
C ASP B 309 17.62 0.91 -32.13
N LEU B 310 16.87 2.00 -32.13
CA LEU B 310 15.84 2.22 -31.11
C LEU B 310 14.58 1.40 -31.37
N ARG B 311 14.17 0.62 -30.37
CA ARG B 311 12.94 -0.15 -30.40
C ARG B 311 12.75 -0.78 -29.02
N ALA B 312 11.56 -1.32 -28.75
CA ALA B 312 11.26 -1.85 -27.42
C ALA B 312 12.17 -3.01 -27.00
N ALA B 313 12.61 -3.83 -27.94
CA ALA B 313 13.51 -4.92 -27.59
C ALA B 313 14.87 -4.40 -27.08
N ASN B 314 15.19 -3.15 -27.39
CA ASN B 314 16.46 -2.57 -26.93
C ASN B 314 16.31 -1.59 -25.76
N ILE B 315 15.18 -1.67 -25.08
CA ILE B 315 14.98 -0.96 -23.83
C ILE B 315 14.87 -2.02 -22.76
N LEU B 316 15.54 -1.83 -21.64
CA LEU B 316 15.49 -2.81 -20.56
C LEU B 316 14.78 -2.22 -19.35
N VAL B 317 14.13 -3.07 -18.57
CA VAL B 317 13.35 -2.64 -17.42
C VAL B 317 13.90 -3.24 -16.13
N SER B 318 14.18 -2.39 -15.14
CA SER B 318 14.69 -2.86 -13.86
C SER B 318 13.53 -3.33 -12.99
N ALA B 319 13.85 -4.01 -11.90
CA ALA B 319 12.85 -4.49 -10.94
C ALA B 319 11.91 -3.39 -10.43
N SER B 320 12.41 -2.15 -10.40
CA SER B 320 11.62 -1.00 -9.95
C SER B 320 10.93 -0.25 -11.09
N LEU B 321 10.85 -0.89 -12.26
CA LEU B 321 10.23 -0.30 -13.44
C LEU B 321 10.96 0.91 -14.03
N VAL B 322 12.26 1.04 -13.75
CA VAL B 322 13.08 2.05 -14.43
C VAL B 322 13.50 1.54 -15.81
N CYS B 323 13.23 2.33 -16.84
CA CYS B 323 13.59 1.95 -18.20
C CYS B 323 14.96 2.50 -18.58
N LYS B 324 15.77 1.65 -19.20
CA LYS B 324 17.09 2.06 -19.66
C LYS B 324 17.33 1.58 -21.09
N ILE B 325 17.96 2.44 -21.88
CA ILE B 325 18.37 2.12 -23.24
C ILE B 325 19.56 1.14 -23.22
N ALA B 326 19.43 0.06 -23.97
CA ALA B 326 20.48 -0.96 -24.05
C ALA B 326 21.18 -0.89 -25.40
N ASP B 327 22.31 -1.58 -25.52
CA ASP B 327 23.01 -1.73 -26.80
C ASP B 327 23.56 -0.44 -27.41
N PHE B 328 23.60 0.65 -26.64
CA PHE B 328 24.22 1.87 -27.14
C PHE B 328 25.67 1.59 -27.48
N GLY B 329 26.05 1.79 -28.74
CA GLY B 329 27.40 1.54 -29.18
C GLY B 329 27.60 0.32 -30.07
N LEU B 330 26.72 -0.67 -29.96
CA LEU B 330 26.91 -1.92 -30.69
C LEU B 330 26.57 -1.79 -32.18
N ALA B 331 25.40 -1.21 -32.48
CA ALA B 331 25.00 -1.00 -33.85
C ALA B 331 26.02 -0.11 -34.56
N ARG B 332 26.64 0.78 -33.81
CA ARG B 332 27.67 1.68 -34.34
C ARG B 332 28.99 0.96 -34.61
N VAL B 333 29.12 -0.27 -34.10
CA VAL B 333 30.32 -1.07 -34.32
C VAL B 333 30.06 -2.21 -35.30
N ILE B 334 28.96 -2.93 -35.10
CA ILE B 334 28.62 -4.07 -35.96
C ILE B 334 27.92 -3.63 -37.23
N PHE B 347 17.47 -4.61 -41.21
CA PHE B 347 16.70 -5.71 -40.62
C PHE B 347 15.41 -5.20 -39.94
N PRO B 348 15.51 -4.30 -38.95
CA PRO B 348 14.25 -3.81 -38.39
C PRO B 348 13.79 -2.55 -39.12
N ILE B 349 13.47 -2.70 -40.41
CA ILE B 349 13.14 -1.55 -41.22
C ILE B 349 11.88 -0.84 -40.75
N LYS B 350 11.02 -1.56 -40.03
CA LYS B 350 9.76 -1.00 -39.54
C LYS B 350 9.98 0.09 -38.48
N TRP B 351 11.16 0.11 -37.88
CA TRP B 351 11.52 1.16 -36.92
C TRP B 351 12.42 2.22 -37.57
N THR B 352 12.69 2.08 -38.86
CA THR B 352 13.74 2.87 -39.50
C THR B 352 13.19 3.99 -40.40
N ALA B 353 13.79 5.17 -40.28
CA ALA B 353 13.43 6.32 -41.11
C ALA B 353 13.67 6.00 -42.58
N PRO B 354 12.82 6.54 -43.46
CA PRO B 354 12.89 6.31 -44.91
C PRO B 354 14.27 6.66 -45.46
N GLU B 355 14.78 7.80 -45.01
CA GLU B 355 16.07 8.32 -45.44
C GLU B 355 17.24 7.45 -45.04
N ALA B 356 17.07 6.68 -43.96
CA ALA B 356 18.11 5.77 -43.49
C ALA B 356 18.02 4.45 -44.24
N ILE B 357 16.79 4.05 -44.57
CA ILE B 357 16.53 2.85 -45.36
C ILE B 357 17.05 3.06 -46.79
N ASN B 358 16.76 4.23 -47.34
CA ASN B 358 17.07 4.54 -48.74
C ASN B 358 18.52 4.90 -49.01
N PHE B 359 19.11 5.75 -48.18
CA PHE B 359 20.44 6.28 -48.45
C PHE B 359 21.45 6.05 -47.33
N GLY B 360 21.05 5.27 -46.31
CA GLY B 360 21.92 5.01 -45.18
C GLY B 360 22.21 6.25 -44.36
N SER B 361 21.29 7.22 -44.42
CA SER B 361 21.47 8.48 -43.69
C SER B 361 21.03 8.38 -42.24
N PHE B 362 21.83 7.70 -41.43
CA PHE B 362 21.52 7.56 -40.00
C PHE B 362 21.99 8.80 -39.26
N THR B 363 21.07 9.42 -38.52
CA THR B 363 21.35 10.65 -37.81
C THR B 363 20.49 10.66 -36.54
N ILE B 364 20.64 11.68 -35.69
CA ILE B 364 19.84 11.75 -34.47
C ILE B 364 18.36 11.87 -34.83
N LYS B 365 18.09 12.43 -36.02
CA LYS B 365 16.73 12.59 -36.49
C LYS B 365 16.13 11.26 -36.93
N SER B 366 16.96 10.32 -37.39
CA SER B 366 16.44 9.00 -37.70
C SER B 366 16.14 8.24 -36.41
N ASP B 367 16.94 8.47 -35.36
CA ASP B 367 16.57 7.97 -34.02
C ASP B 367 15.24 8.55 -33.54
N VAL B 368 14.98 9.82 -33.83
CA VAL B 368 13.69 10.44 -33.48
C VAL B 368 12.51 9.69 -34.10
N TRP B 369 12.64 9.31 -35.37
CA TRP B 369 11.61 8.54 -36.06
C TRP B 369 11.42 7.19 -35.38
N SER B 370 12.54 6.56 -35.03
CA SER B 370 12.48 5.26 -34.38
C SER B 370 11.75 5.39 -33.04
N PHE B 371 12.03 6.47 -32.32
CA PHE B 371 11.34 6.74 -31.07
C PHE B 371 9.83 6.86 -31.28
N GLY B 372 9.43 7.52 -32.37
CA GLY B 372 8.03 7.59 -32.73
C GLY B 372 7.40 6.22 -32.79
N ILE B 373 8.07 5.29 -33.46
CA ILE B 373 7.59 3.91 -33.56
C ILE B 373 7.58 3.22 -32.19
N LEU B 374 8.65 3.41 -31.42
CA LEU B 374 8.74 2.88 -30.07
C LEU B 374 7.59 3.37 -29.20
N LEU B 375 7.28 4.65 -29.33
CA LEU B 375 6.16 5.27 -28.62
C LEU B 375 4.86 4.51 -28.91
N MET B 376 4.68 4.16 -30.18
CA MET B 376 3.52 3.39 -30.61
C MET B 376 3.58 1.97 -30.02
N GLU B 377 4.76 1.35 -30.08
CA GLU B 377 4.97 0.02 -29.50
C GLU B 377 4.55 0.01 -28.05
N ILE B 378 5.01 1.02 -27.32
CA ILE B 378 4.72 1.15 -25.90
C ILE B 378 3.23 1.25 -25.65
N VAL B 379 2.58 2.19 -26.32
CA VAL B 379 1.15 2.41 -26.13
C VAL B 379 0.29 1.24 -26.62
N THR B 380 0.84 0.43 -27.51
CA THR B 380 0.13 -0.76 -27.98
C THR B 380 0.57 -2.03 -27.25
N TYR B 381 1.11 -1.84 -26.04
CA TYR B 381 1.64 -2.93 -25.23
C TYR B 381 2.48 -3.95 -26.01
N GLY B 382 3.32 -3.44 -26.91
CA GLY B 382 4.32 -4.27 -27.58
C GLY B 382 3.83 -4.91 -28.87
N ARG B 383 2.66 -4.50 -29.33
CA ARG B 383 2.16 -4.96 -30.63
C ARG B 383 3.18 -4.58 -31.69
N ILE B 384 3.39 -5.44 -32.67
CA ILE B 384 4.31 -5.18 -33.77
C ILE B 384 3.84 -3.95 -34.56
N PRO B 385 4.78 -3.12 -35.02
CA PRO B 385 4.44 -1.94 -35.84
C PRO B 385 3.94 -2.34 -37.23
N TYR B 386 3.05 -1.53 -37.81
CA TYR B 386 2.45 -1.84 -39.12
C TYR B 386 1.97 -3.29 -39.18
N PRO B 387 0.97 -3.65 -38.36
CA PRO B 387 0.58 -5.06 -38.27
C PRO B 387 -0.14 -5.56 -39.52
N GLY B 388 0.23 -6.74 -39.99
CA GLY B 388 -0.36 -7.30 -41.21
C GLY B 388 0.44 -6.91 -42.45
N MET B 389 1.09 -5.75 -42.39
CA MET B 389 1.91 -5.25 -43.47
C MET B 389 3.30 -5.89 -43.41
N SER B 390 3.94 -6.02 -44.57
CA SER B 390 5.29 -6.57 -44.65
C SER B 390 6.30 -5.46 -44.92
N ASN B 391 7.58 -5.78 -44.71
CA ASN B 391 8.67 -4.83 -44.96
C ASN B 391 8.61 -4.06 -46.29
N PRO B 392 8.29 -4.74 -47.41
CA PRO B 392 8.17 -3.97 -48.64
C PRO B 392 6.86 -3.18 -48.70
N GLU B 393 5.77 -3.77 -48.22
CA GLU B 393 4.50 -3.07 -48.09
C GLU B 393 4.69 -1.76 -47.32
N VAL B 394 5.46 -1.83 -46.24
CA VAL B 394 5.74 -0.67 -45.39
C VAL B 394 6.52 0.43 -46.12
N ILE B 395 7.58 0.06 -46.83
CA ILE B 395 8.39 1.03 -47.56
C ILE B 395 7.56 1.80 -48.59
N ARG B 396 6.71 1.08 -49.32
CA ARG B 396 5.86 1.69 -50.35
C ARG B 396 4.83 2.64 -49.74
N ALA B 397 4.23 2.21 -48.64
CA ALA B 397 3.19 2.99 -47.97
C ALA B 397 3.73 4.32 -47.43
N LEU B 398 4.93 4.30 -46.86
CA LEU B 398 5.56 5.50 -46.32
C LEU B 398 5.86 6.51 -47.42
N GLU B 399 6.36 6.02 -48.55
CA GLU B 399 6.56 6.83 -49.73
C GLU B 399 5.24 7.46 -50.18
N ARG B 400 4.15 6.71 -50.01
CA ARG B 400 2.82 7.22 -50.29
C ARG B 400 2.29 8.12 -49.17
N GLY B 401 3.10 8.30 -48.12
CA GLY B 401 2.73 9.17 -47.02
C GLY B 401 1.85 8.52 -45.96
N TYR B 402 1.75 7.19 -45.97
CA TYR B 402 0.99 6.48 -44.94
C TYR B 402 1.67 6.59 -43.58
N ARG B 403 0.86 6.64 -42.53
CA ARG B 403 1.34 6.60 -41.16
C ARG B 403 0.38 5.72 -40.37
N MET B 404 0.88 5.02 -39.36
CA MET B 404 0.04 4.19 -38.49
C MET B 404 -1.07 5.04 -37.89
N PRO B 405 -2.30 4.50 -37.85
CA PRO B 405 -3.44 5.24 -37.30
C PRO B 405 -3.39 5.33 -35.78
N ARG B 406 -4.06 6.29 -35.18
CA ARG B 406 -4.10 6.39 -33.72
C ARG B 406 -4.91 5.26 -33.09
N PRO B 407 -4.28 4.50 -32.17
CA PRO B 407 -4.97 3.43 -31.43
C PRO B 407 -6.03 4.01 -30.50
N GLU B 408 -7.02 3.21 -30.14
CA GLU B 408 -8.18 3.70 -29.37
C GLU B 408 -7.79 4.28 -28.01
N ASN B 409 -6.75 3.71 -27.39
CA ASN B 409 -6.33 4.15 -26.07
C ASN B 409 -5.39 5.36 -26.08
N CYS B 410 -4.93 5.75 -27.26
CA CYS B 410 -3.88 6.77 -27.36
C CYS B 410 -4.43 8.20 -27.43
N PRO B 411 -4.03 9.06 -26.48
CA PRO B 411 -4.49 10.46 -26.53
C PRO B 411 -4.00 11.14 -27.77
N GLU B 412 -4.79 12.07 -28.32
CA GLU B 412 -4.42 12.75 -29.56
C GLU B 412 -3.10 13.50 -29.45
N GLU B 413 -2.83 14.12 -28.30
CA GLU B 413 -1.58 14.85 -28.11
C GLU B 413 -0.37 13.95 -28.05
N LEU B 414 -0.55 12.71 -27.63
CA LEU B 414 0.54 11.74 -27.67
C LEU B 414 0.75 11.32 -29.12
N TYR B 415 -0.36 11.16 -29.85
CA TYR B 415 -0.30 10.80 -31.25
C TYR B 415 0.37 11.90 -32.06
N ASN B 416 0.08 13.15 -31.73
CA ASN B 416 0.74 14.25 -32.41
C ASN B 416 2.27 14.23 -32.23
N ILE B 417 2.73 13.83 -31.04
CA ILE B 417 4.16 13.66 -30.80
C ILE B 417 4.74 12.67 -31.81
N MET B 418 4.09 11.51 -31.93
CA MET B 418 4.50 10.47 -32.87
C MET B 418 4.54 10.99 -34.31
N MET B 419 3.47 11.66 -34.74
CA MET B 419 3.37 12.22 -36.09
C MET B 419 4.52 13.19 -36.38
N ARG B 420 4.89 13.98 -35.37
CA ARG B 420 6.04 14.88 -35.51
C ARG B 420 7.36 14.12 -35.65
N CYS B 421 7.47 13.00 -34.94
CA CYS B 421 8.63 12.12 -35.09
C CYS B 421 8.69 11.52 -36.49
N TRP B 422 7.53 11.42 -37.11
CA TRP B 422 7.40 10.75 -38.41
C TRP B 422 7.35 11.71 -39.58
N LYS B 423 7.81 12.94 -39.38
CA LYS B 423 7.90 13.91 -40.48
C LYS B 423 8.84 13.38 -41.57
N ASN B 424 8.44 13.55 -42.82
CA ASN B 424 9.26 13.16 -43.97
C ASN B 424 10.64 13.82 -43.93
N ARG B 425 10.65 15.11 -43.63
CA ARG B 425 11.90 15.87 -43.52
C ARG B 425 12.50 15.79 -42.12
N PRO B 426 13.70 15.19 -42.02
CA PRO B 426 14.39 14.95 -40.76
C PRO B 426 14.54 16.21 -39.89
N GLU B 427 14.85 17.34 -40.50
CA GLU B 427 15.06 18.58 -39.74
C GLU B 427 13.75 19.16 -39.18
N GLU B 428 12.62 18.58 -39.57
CA GLU B 428 11.31 19.00 -39.08
C GLU B 428 10.90 18.22 -37.83
N ARG B 429 11.58 17.11 -37.61
CA ARG B 429 11.33 16.29 -36.42
C ARG B 429 11.91 16.99 -35.19
N PRO B 430 11.21 16.91 -34.04
CA PRO B 430 11.68 17.62 -32.85
C PRO B 430 12.94 16.98 -32.25
N THR B 431 13.57 17.67 -31.31
CA THR B 431 14.70 17.10 -30.58
C THR B 431 14.21 16.18 -29.49
N PHE B 432 15.09 15.30 -29.01
CA PHE B 432 14.77 14.49 -27.84
C PHE B 432 14.65 15.37 -26.60
N GLU B 433 15.45 16.43 -26.53
CA GLU B 433 15.33 17.41 -25.47
C GLU B 433 13.89 17.91 -25.37
N TYR B 434 13.31 18.33 -26.50
CA TYR B 434 11.93 18.80 -26.51
C TYR B 434 10.94 17.68 -26.18
N ILE B 435 11.09 16.53 -26.83
CA ILE B 435 10.22 15.40 -26.57
C ILE B 435 10.20 15.04 -25.08
N GLN B 436 11.37 14.93 -24.47
CA GLN B 436 11.47 14.60 -23.05
C GLN B 436 10.72 15.62 -22.21
N SER B 437 10.91 16.90 -22.50
CA SER B 437 10.26 17.97 -21.74
C SER B 437 8.74 17.92 -21.88
N VAL B 438 8.25 17.55 -23.05
CA VAL B 438 6.79 17.41 -23.26
C VAL B 438 6.26 16.16 -22.52
N LEU B 439 6.99 15.06 -22.63
CA LEU B 439 6.55 13.80 -22.03
C LEU B 439 6.55 13.86 -20.51
N ASP B 440 7.63 14.40 -19.94
CA ASP B 440 7.76 14.62 -18.50
C ASP B 440 6.58 15.38 -17.86
N ASP B 441 6.16 16.46 -18.50
CA ASP B 441 5.08 17.26 -17.95
C ASP B 441 3.77 17.12 -18.72
N PHE B 442 3.54 15.95 -19.31
CA PHE B 442 2.37 15.70 -20.17
C PHE B 442 1.04 16.07 -19.51
N TYR B 443 0.92 15.81 -18.21
CA TYR B 443 -0.32 16.09 -17.47
C TYR B 443 -0.26 17.36 -16.64
N THR B 444 0.83 18.11 -16.78
CA THR B 444 1.03 19.29 -15.96
C THR B 444 1.23 20.55 -16.81
N ALA B 445 0.34 21.51 -16.63
CA ALA B 445 0.50 22.83 -17.25
C ALA B 445 1.75 23.47 -16.67
N THR B 446 2.46 24.21 -17.50
CA THR B 446 3.69 24.86 -17.10
C THR B 446 3.48 25.70 -15.84
N GLU B 447 2.37 26.43 -15.80
CA GLU B 447 2.05 27.27 -14.66
C GLU B 447 1.72 26.48 -13.38
N SER B 448 1.62 25.15 -13.46
CA SER B 448 1.29 24.39 -12.26
C SER B 448 2.43 23.52 -11.76
N GLN B 449 3.61 23.67 -12.36
CA GLN B 449 4.78 22.88 -11.98
C GLN B 449 5.10 23.06 -10.49
N GLU B 451 4.04 25.14 -6.70
CA GLU B 451 2.86 25.74 -6.11
C GLU B 451 3.11 27.21 -5.78
N GLU B 452 2.03 27.99 -5.71
CA GLU B 452 2.15 29.43 -5.44
C GLU B 452 1.66 29.70 -4.02
N ILE B 453 2.55 30.20 -3.16
CA ILE B 453 2.27 30.24 -1.73
C ILE B 453 2.52 31.60 -1.07
N PRO B 454 1.44 32.24 -0.59
CA PRO B 454 1.50 33.57 0.06
C PRO B 454 2.06 33.50 1.47
#